data_9VSD
#
_entry.id   9VSD
#
_cell.length_a   1.00
_cell.length_b   1.00
_cell.length_c   1.00
_cell.angle_alpha   90.00
_cell.angle_beta   90.00
_cell.angle_gamma   90.00
#
_symmetry.space_group_name_H-M   'P 1'
#
_entity_poly.entity_id   1
_entity_poly.type   'polypeptide(L)'
_entity_poly.pdbx_seq_one_letter_code
;MAGIVTEPWSVAENGNPSITAKGSSRELRLGRTAHNMDDDDLRKKSDLRVIQKVPYKGLKDFLSNLQEVILGTKLAILFP
AIPAAIICTYCGVSQPWIFGLSLLGLTPLAERVSFLTEQLAFYTGPTLGGLLNATCGNATELIIAILALTNNKVAVVKYS
LLGSILSNLLLVLGTSLFCGGIANIRREQRFDRKQADVNFFLLLLGFLCHLLPLLVGYLKNGEASAAVLSDMQLSISRGF
SIVMLISYIAYLVFQLWTHRQLFDAQEQEDEYDDDVEQETAVISFWSGFAWLVGMTLVIALLSEYVVATIEEASDKWNLS
VSFISIILLPIVGNAAEHAGAVIFAFKNKLDISLGVALGSATQIGLFVVPLTIIVAWILGINMDLNFGPLETGCLAVSII
ITAFTLQDGSSHYMKGLVLLLCYFIIAICFFVDKLPQKQNAIHLGHQAMNNVVTATGGGVFSSDYKDDDDK
;
_entity_poly.pdbx_strand_id   A,B,C
#
# COMPACT_ATOMS: atom_id res chain seq x y z
N GLY A 58 25.83 49.42 -34.06
CA GLY A 58 26.92 48.48 -33.96
C GLY A 58 26.47 47.03 -34.04
N LEU A 59 26.48 46.35 -32.91
CA LEU A 59 26.03 44.96 -32.85
C LEU A 59 24.51 44.93 -32.85
N LYS A 60 23.92 44.44 -33.95
CA LYS A 60 22.48 44.42 -34.10
C LYS A 60 21.87 43.10 -33.62
N ASP A 61 22.68 42.06 -33.48
CA ASP A 61 22.24 40.78 -32.91
C ASP A 61 22.04 40.83 -31.40
N PHE A 62 22.23 41.99 -30.76
CA PHE A 62 22.24 42.08 -29.31
C PHE A 62 21.14 42.97 -28.73
N LEU A 63 20.55 43.85 -29.53
CA LEU A 63 19.67 44.89 -28.99
C LEU A 63 18.34 44.31 -28.51
N SER A 64 17.57 43.74 -29.43
CA SER A 64 16.27 43.19 -29.07
C SER A 64 16.31 41.71 -28.75
N ASN A 65 17.38 41.00 -29.14
CA ASN A 65 17.52 39.61 -28.74
C ASN A 65 17.69 39.50 -27.23
N LEU A 66 18.38 40.46 -26.62
CA LEU A 66 18.47 40.52 -25.18
C LEU A 66 17.10 40.80 -24.56
N GLN A 67 16.27 41.59 -25.25
CA GLN A 67 14.89 41.73 -24.84
C GLN A 67 14.12 40.44 -25.06
N GLU A 68 14.52 39.64 -26.06
CA GLU A 68 13.83 38.38 -26.34
C GLU A 68 14.18 37.32 -25.30
N VAL A 69 15.45 37.26 -24.89
CA VAL A 69 15.87 36.19 -23.98
C VAL A 69 15.47 36.49 -22.55
N ILE A 70 15.99 37.60 -22.01
CA ILE A 70 15.93 37.85 -20.58
C ILE A 70 14.54 38.30 -20.15
N LEU A 71 14.11 39.46 -20.67
CA LEU A 71 13.00 40.16 -20.05
C LEU A 71 11.64 39.56 -20.38
N GLY A 72 11.56 38.64 -21.33
CA GLY A 72 10.30 38.05 -21.70
C GLY A 72 9.82 36.98 -20.74
N THR A 73 9.47 37.37 -19.52
CA THR A 73 9.00 36.43 -18.52
C THR A 73 8.18 37.19 -17.50
N LYS A 74 7.33 36.45 -16.77
CA LYS A 74 6.41 37.02 -15.80
C LYS A 74 7.07 37.40 -14.48
N LEU A 75 8.38 37.19 -14.35
CA LEU A 75 9.05 37.41 -13.08
C LEU A 75 10.18 38.40 -13.28
N ALA A 76 9.87 39.53 -13.92
CA ALA A 76 10.86 40.56 -14.21
C ALA A 76 11.41 41.23 -12.97
N ILE A 77 10.68 41.23 -11.86
CA ILE A 77 11.07 41.98 -10.67
C ILE A 77 11.99 41.16 -9.77
N LEU A 78 12.08 39.85 -9.96
CA LEU A 78 13.00 39.05 -9.15
C LEU A 78 14.43 39.08 -9.68
N PHE A 79 14.68 39.70 -10.83
CA PHE A 79 16.04 39.71 -11.37
C PHE A 79 17.00 40.56 -10.53
N PRO A 80 16.75 41.88 -10.26
CA PRO A 80 17.85 42.68 -9.69
C PRO A 80 18.15 42.41 -8.22
N ALA A 81 17.55 41.37 -7.65
CA ALA A 81 18.03 40.82 -6.40
C ALA A 81 19.18 39.82 -6.58
N ILE A 82 19.57 39.51 -7.81
CA ILE A 82 20.75 38.67 -8.04
C ILE A 82 22.06 39.37 -7.70
N PRO A 83 22.43 40.55 -8.25
CA PRO A 83 23.81 41.02 -8.01
C PRO A 83 24.05 41.50 -6.59
N ALA A 84 23.00 41.78 -5.83
CA ALA A 84 23.16 42.14 -4.42
C ALA A 84 23.67 40.96 -3.61
N ALA A 85 23.24 39.74 -3.96
CA ALA A 85 23.77 38.53 -3.34
C ALA A 85 25.23 38.32 -3.65
N ILE A 86 25.72 38.89 -4.76
CA ILE A 86 27.16 39.02 -4.90
C ILE A 86 27.66 40.20 -4.08
N ILE A 87 26.94 41.32 -4.11
CA ILE A 87 27.45 42.56 -3.51
C ILE A 87 27.44 42.48 -1.99
N CYS A 88 26.39 41.90 -1.41
CA CYS A 88 26.40 41.69 0.04
C CYS A 88 27.47 40.68 0.45
N THR A 89 27.70 39.66 -0.36
CA THR A 89 28.78 38.72 -0.06
C THR A 89 30.14 39.36 -0.36
N TYR A 90 30.20 40.27 -1.34
CA TYR A 90 31.44 41.00 -1.56
C TYR A 90 31.67 42.03 -0.45
N CYS A 91 30.61 42.48 0.22
CA CYS A 91 30.78 43.37 1.36
C CYS A 91 30.87 42.60 2.67
N GLY A 92 29.88 41.77 2.97
CA GLY A 92 29.90 41.06 4.24
C GLY A 92 28.67 41.29 5.10
N VAL A 93 27.53 41.56 4.47
CA VAL A 93 26.26 41.63 5.18
C VAL A 93 25.93 40.25 5.74
N SER A 94 25.28 40.23 6.91
CA SER A 94 25.09 39.03 7.72
C SER A 94 24.33 37.95 6.97
N GLN A 95 24.64 36.71 7.33
CA GLN A 95 24.30 35.54 6.55
C GLN A 95 22.82 35.21 6.27
N PRO A 96 21.84 35.56 7.11
CA PRO A 96 20.45 35.37 6.65
C PRO A 96 20.04 36.32 5.53
N TRP A 97 20.71 37.45 5.38
CA TRP A 97 20.39 38.33 4.26
C TRP A 97 20.96 37.83 2.94
N ILE A 98 21.98 36.96 2.97
CA ILE A 98 22.39 36.26 1.76
C ILE A 98 21.38 35.17 1.41
N PHE A 99 20.91 34.45 2.43
CA PHE A 99 19.97 33.35 2.21
C PHE A 99 18.61 33.85 1.75
N GLY A 100 18.23 35.06 2.13
CA GLY A 100 16.97 35.59 1.65
C GLY A 100 17.01 35.99 0.19
N LEU A 101 18.17 36.38 -0.30
CA LEU A 101 18.31 36.78 -1.69
C LEU A 101 18.61 35.61 -2.61
N SER A 102 19.35 34.60 -2.13
CA SER A 102 19.71 33.50 -2.99
C SER A 102 18.60 32.47 -3.14
N LEU A 103 17.48 32.64 -2.48
CA LEU A 103 16.28 31.94 -2.93
C LEU A 103 15.36 32.85 -3.73
N LEU A 104 15.68 34.12 -3.87
CA LEU A 104 15.00 35.00 -4.81
C LEU A 104 15.81 35.24 -6.06
N GLY A 105 17.10 34.94 -6.02
CA GLY A 105 17.90 35.07 -7.21
C GLY A 105 17.89 33.84 -8.08
N LEU A 106 17.22 32.78 -7.65
CA LEU A 106 17.16 31.55 -8.43
C LEU A 106 15.75 31.16 -8.82
N THR A 107 14.77 32.05 -8.66
CA THR A 107 13.48 31.77 -9.26
C THR A 107 13.48 32.13 -10.74
N PRO A 108 13.92 33.34 -11.19
CA PRO A 108 13.93 33.55 -12.64
C PRO A 108 15.18 33.01 -13.32
N LEU A 109 15.93 32.13 -12.67
CA LEU A 109 16.98 31.39 -13.36
C LEU A 109 16.72 29.91 -13.43
N ALA A 110 15.90 29.37 -12.54
CA ALA A 110 15.31 28.06 -12.74
C ALA A 110 13.98 28.16 -13.46
N GLU A 111 13.74 29.26 -14.17
CA GLU A 111 12.67 29.43 -15.13
C GLU A 111 13.17 29.88 -16.50
N ARG A 112 14.16 30.76 -16.56
CA ARG A 112 14.78 31.19 -17.81
C ARG A 112 15.84 30.24 -18.29
N VAL A 113 15.90 29.05 -17.71
CA VAL A 113 16.61 27.93 -18.30
C VAL A 113 15.65 26.94 -18.93
N SER A 114 14.53 26.66 -18.27
CA SER A 114 13.51 25.83 -18.89
C SER A 114 12.77 26.53 -20.02
N PHE A 115 12.82 27.87 -20.07
CA PHE A 115 12.44 28.55 -21.29
C PHE A 115 13.40 28.22 -22.42
N LEU A 116 14.70 28.14 -22.11
CA LEU A 116 15.73 27.95 -23.12
C LEU A 116 16.05 26.49 -23.35
N THR A 117 15.13 25.59 -23.04
CA THR A 117 15.16 24.24 -23.57
C THR A 117 14.32 24.10 -24.82
N GLU A 118 13.06 24.54 -24.77
CA GLU A 118 12.18 24.39 -25.91
C GLU A 118 12.50 25.36 -27.04
N GLN A 119 13.35 26.35 -26.80
CA GLN A 119 13.96 27.09 -27.89
C GLN A 119 15.31 26.49 -28.30
N LEU A 120 15.61 25.27 -27.84
CA LEU A 120 16.72 24.50 -28.37
C LEU A 120 16.27 23.17 -28.96
N ALA A 121 14.97 23.01 -29.21
CA ALA A 121 14.51 21.86 -30.00
C ALA A 121 14.50 22.17 -31.49
N PHE A 122 14.76 23.41 -31.88
CA PHE A 122 14.68 23.78 -33.29
C PHE A 122 15.88 23.25 -34.07
N TYR A 123 17.09 23.39 -33.52
CA TYR A 123 18.28 22.99 -34.25
C TYR A 123 18.67 21.53 -34.02
N THR A 124 18.19 20.92 -32.93
CA THR A 124 18.62 19.59 -32.55
C THR A 124 17.57 18.50 -32.75
N GLY A 125 16.29 18.86 -32.85
CA GLY A 125 15.26 17.87 -33.05
C GLY A 125 14.72 17.34 -31.75
N PRO A 126 13.57 16.67 -31.79
CA PRO A 126 12.91 16.25 -30.54
C PRO A 126 13.59 15.07 -29.85
N THR A 127 14.57 14.43 -30.48
CA THR A 127 15.29 13.35 -29.81
C THR A 127 16.20 13.90 -28.72
N LEU A 128 17.02 14.89 -29.06
CA LEU A 128 17.81 15.54 -28.03
C LEU A 128 16.96 16.49 -27.20
N GLY A 129 16.05 17.21 -27.86
CA GLY A 129 15.21 18.20 -27.20
C GLY A 129 14.16 17.62 -26.27
N GLY A 130 13.90 16.33 -26.36
CA GLY A 130 13.02 15.70 -25.38
C GLY A 130 13.74 15.49 -24.07
N LEU A 131 15.01 15.10 -24.16
CA LEU A 131 15.78 14.75 -22.97
C LEU A 131 16.15 15.99 -22.18
N LEU A 132 16.36 17.11 -22.86
CA LEU A 132 16.77 18.32 -22.15
C LEU A 132 15.59 19.03 -21.49
N ASN A 133 14.36 18.55 -21.68
CA ASN A 133 13.23 19.08 -20.94
C ASN A 133 13.39 18.83 -19.45
N ALA A 134 13.43 17.56 -19.06
CA ALA A 134 13.55 17.17 -17.67
C ALA A 134 14.97 17.27 -17.14
N THR A 135 15.94 17.56 -17.99
CA THR A 135 17.31 17.67 -17.51
C THR A 135 17.56 19.04 -16.90
N CYS A 136 17.15 20.09 -17.59
CA CYS A 136 17.42 21.44 -17.14
C CYS A 136 16.29 22.06 -16.34
N GLY A 137 15.19 21.34 -16.14
CA GLY A 137 14.19 21.78 -15.20
C GLY A 137 14.57 21.35 -13.80
N ASN A 138 15.48 20.38 -13.73
CA ASN A 138 16.11 19.95 -12.50
C ASN A 138 17.58 20.36 -12.48
N ALA A 139 17.88 21.51 -13.07
CA ALA A 139 19.23 22.05 -13.03
C ALA A 139 19.47 22.89 -11.80
N THR A 140 18.68 22.72 -10.76
CA THR A 140 18.98 23.31 -9.47
C THR A 140 19.24 22.26 -8.41
N GLU A 141 18.43 21.20 -8.36
CA GLU A 141 18.70 20.11 -7.42
C GLU A 141 20.03 19.42 -7.70
N LEU A 142 20.45 19.37 -8.96
CA LEU A 142 21.74 18.73 -9.21
C LEU A 142 22.88 19.62 -8.76
N ILE A 143 22.66 20.92 -8.76
CA ILE A 143 23.72 21.83 -8.33
C ILE A 143 23.85 21.82 -6.82
N ILE A 144 22.71 21.88 -6.12
CA ILE A 144 22.74 21.98 -4.66
C ILE A 144 23.10 20.63 -4.04
N ALA A 145 22.50 19.53 -4.50
CA ALA A 145 22.79 18.24 -3.91
C ALA A 145 24.16 17.67 -4.28
N ILE A 146 25.02 18.40 -4.98
CA ILE A 146 26.44 18.10 -5.00
C ILE A 146 27.25 19.10 -4.18
N LEU A 147 26.84 20.37 -4.15
CA LEU A 147 27.55 21.32 -3.30
C LEU A 147 27.29 21.07 -1.82
N ALA A 148 26.27 20.31 -1.48
CA ALA A 148 26.03 20.00 -0.09
C ALA A 148 26.66 18.69 0.33
N LEU A 149 26.78 17.74 -0.60
CA LEU A 149 27.45 16.48 -0.32
C LEU A 149 28.92 16.69 -0.02
N THR A 150 29.57 17.60 -0.73
CA THR A 150 30.98 17.89 -0.52
C THR A 150 31.25 18.86 0.61
N ASN A 151 30.25 19.18 1.44
CA ASN A 151 30.43 20.10 2.55
C ASN A 151 29.89 19.52 3.84
N ASN A 152 29.90 18.20 3.98
CA ASN A 152 29.53 17.44 5.16
C ASN A 152 28.06 17.59 5.55
N LYS A 153 27.22 18.21 4.73
CA LYS A 153 25.84 18.46 5.10
C LYS A 153 24.88 17.49 4.44
N VAL A 154 24.97 16.23 4.84
CA VAL A 154 24.10 15.23 4.25
C VAL A 154 22.63 15.55 4.45
N ALA A 155 22.31 16.32 5.49
CA ALA A 155 20.91 16.55 5.75
C ALA A 155 20.22 17.06 4.50
N VAL A 156 20.79 18.09 3.88
CA VAL A 156 20.14 18.76 2.76
C VAL A 156 20.14 17.89 1.52
N VAL A 157 21.14 17.03 1.36
CA VAL A 157 21.14 16.08 0.25
C VAL A 157 20.07 15.02 0.47
N LYS A 158 19.67 14.79 1.71
CA LYS A 158 18.63 13.83 2.00
C LYS A 158 17.25 14.45 2.10
N TYR A 159 17.13 15.77 2.13
CA TYR A 159 15.79 16.34 2.07
C TYR A 159 15.47 16.98 0.74
N SER A 160 16.41 17.69 0.12
CA SER A 160 16.10 18.39 -1.12
C SER A 160 15.85 17.43 -2.27
N LEU A 161 16.49 16.26 -2.26
CA LEU A 161 16.15 15.23 -3.23
C LEU A 161 14.90 14.47 -2.84
N LEU A 162 14.38 14.68 -1.64
CA LEU A 162 13.08 14.15 -1.26
C LEU A 162 11.97 15.17 -1.45
N GLY A 163 12.24 16.44 -1.14
CA GLY A 163 11.25 17.47 -1.27
C GLY A 163 10.88 17.82 -2.68
N SER A 164 11.64 17.35 -3.67
CA SER A 164 11.25 17.44 -5.07
C SER A 164 10.48 16.22 -5.53
N ILE A 165 10.46 15.16 -4.74
CA ILE A 165 9.59 14.05 -5.10
C ILE A 165 8.21 14.32 -4.56
N LEU A 166 8.10 15.00 -3.42
CA LEU A 166 6.76 15.30 -2.90
C LEU A 166 6.14 16.46 -3.65
N SER A 167 6.93 17.47 -3.99
CA SER A 167 6.38 18.65 -4.64
C SER A 167 6.04 18.38 -6.10
N ASN A 168 6.67 17.39 -6.73
CA ASN A 168 6.22 16.96 -8.05
C ASN A 168 5.08 15.97 -8.02
N LEU A 169 4.53 15.69 -6.86
CA LEU A 169 3.43 14.75 -6.79
C LEU A 169 2.21 15.28 -6.07
N LEU A 170 2.34 16.31 -5.24
CA LEU A 170 1.18 16.79 -4.51
C LEU A 170 0.99 18.29 -4.61
N LEU A 171 1.89 19.00 -5.24
CA LEU A 171 1.69 20.43 -5.38
C LEU A 171 1.84 20.92 -6.81
N VAL A 172 2.77 20.35 -7.58
CA VAL A 172 2.74 20.59 -9.02
C VAL A 172 1.52 19.92 -9.61
N LEU A 173 1.20 18.73 -9.13
CA LEU A 173 0.14 17.94 -9.73
C LEU A 173 -1.22 18.27 -9.12
N GLY A 174 -1.29 18.50 -7.82
CA GLY A 174 -2.58 18.75 -7.20
C GLY A 174 -3.13 20.11 -7.51
N THR A 175 -2.26 21.08 -7.79
CA THR A 175 -2.74 22.38 -8.20
C THR A 175 -3.24 22.36 -9.64
N SER A 176 -2.59 21.59 -10.50
CA SER A 176 -2.99 21.53 -11.89
C SER A 176 -4.17 20.63 -12.16
N LEU A 177 -4.87 20.16 -11.13
CA LEU A 177 -6.20 19.59 -11.29
C LEU A 177 -7.27 20.46 -10.65
N PHE A 178 -6.94 21.10 -9.53
CA PHE A 178 -7.83 22.08 -8.93
C PHE A 178 -7.91 23.33 -9.78
N CYS A 179 -6.76 23.95 -10.07
CA CYS A 179 -6.74 25.20 -10.82
C CYS A 179 -6.91 25.01 -12.32
N GLY A 180 -7.29 23.83 -12.76
CA GLY A 180 -7.78 23.70 -14.12
C GLY A 180 -9.22 23.22 -14.08
N GLY A 181 -9.53 22.40 -13.07
CA GLY A 181 -10.86 21.81 -12.96
C GLY A 181 -11.95 22.80 -12.66
N ILE A 182 -11.61 23.98 -12.13
CA ILE A 182 -12.57 25.05 -11.95
C ILE A 182 -12.80 25.77 -13.27
N ALA A 183 -11.79 25.83 -14.12
CA ALA A 183 -11.98 26.51 -15.40
C ALA A 183 -12.81 25.66 -16.35
N ASN A 184 -12.53 24.37 -16.41
CA ASN A 184 -13.19 23.46 -17.34
C ASN A 184 -14.24 22.63 -16.63
N ILE A 185 -14.97 23.23 -15.69
CA ILE A 185 -15.95 22.46 -14.93
C ILE A 185 -17.15 22.09 -15.79
N ARG A 186 -17.43 22.87 -16.82
CA ARG A 186 -18.55 22.53 -17.70
C ARG A 186 -18.11 21.64 -18.85
N ARG A 187 -16.88 21.77 -19.32
CA ARG A 187 -16.32 20.83 -20.26
C ARG A 187 -15.92 19.55 -19.53
N GLU A 188 -15.43 18.57 -20.27
CA GLU A 188 -15.04 17.30 -19.68
C GLU A 188 -13.56 17.06 -19.95
N GLN A 189 -12.86 16.55 -18.94
CA GLN A 189 -11.41 16.44 -18.95
C GLN A 189 -11.02 14.97 -19.00
N ARG A 190 -10.10 14.62 -19.89
CA ARG A 190 -9.58 13.27 -19.99
C ARG A 190 -8.11 13.34 -20.33
N PHE A 191 -7.38 12.31 -19.91
CA PHE A 191 -5.96 12.24 -20.20
C PHE A 191 -5.61 10.82 -20.65
N ASP A 192 -4.32 10.59 -20.85
CA ASP A 192 -3.79 9.32 -21.32
C ASP A 192 -3.27 8.54 -20.13
N ARG A 193 -3.85 7.37 -19.87
CA ARG A 193 -3.36 6.55 -18.77
C ARG A 193 -2.02 5.91 -19.07
N LYS A 194 -1.84 5.46 -20.31
CA LYS A 194 -0.72 4.60 -20.63
C LYS A 194 0.60 5.35 -20.64
N GLN A 195 0.56 6.67 -20.71
CA GLN A 195 1.77 7.45 -20.52
C GLN A 195 2.18 7.51 -19.05
N ALA A 196 1.23 7.37 -18.13
CA ALA A 196 1.48 7.52 -16.71
C ALA A 196 1.27 6.22 -15.93
N ASP A 197 1.53 5.09 -16.56
CA ASP A 197 1.67 3.83 -15.84
C ASP A 197 3.11 3.39 -15.72
N VAL A 198 3.92 3.73 -16.71
CA VAL A 198 5.34 3.39 -16.70
C VAL A 198 6.06 4.19 -15.63
N ASN A 199 5.52 5.34 -15.26
CA ASN A 199 6.18 6.16 -14.26
C ASN A 199 5.97 5.62 -12.86
N PHE A 200 4.83 5.01 -12.58
CA PHE A 200 4.62 4.45 -11.26
C PHE A 200 5.25 3.10 -11.08
N PHE A 201 5.69 2.46 -12.15
CA PHE A 201 6.46 1.23 -11.99
C PHE A 201 7.81 1.55 -11.40
N LEU A 202 8.41 2.63 -11.88
CA LEU A 202 9.74 3.03 -11.45
C LEU A 202 9.73 3.63 -10.06
N LEU A 203 8.67 4.35 -9.70
CA LEU A 203 8.59 4.95 -8.37
C LEU A 203 8.36 3.92 -7.28
N LEU A 204 7.95 2.71 -7.63
CA LEU A 204 7.95 1.59 -6.71
C LEU A 204 9.24 0.79 -6.77
N LEU A 205 10.03 0.95 -7.83
CA LEU A 205 11.40 0.48 -7.78
C LEU A 205 12.25 1.44 -6.99
N GLY A 206 11.83 2.69 -6.90
CA GLY A 206 12.56 3.65 -6.12
C GLY A 206 12.29 3.49 -4.65
N PHE A 207 11.04 3.17 -4.29
CA PHE A 207 10.66 3.16 -2.88
C PHE A 207 11.25 1.98 -2.15
N LEU A 208 11.27 0.81 -2.78
CA LEU A 208 11.80 -0.39 -2.14
C LEU A 208 13.30 -0.27 -1.87
N CYS A 209 14.03 0.48 -2.69
CA CYS A 209 15.42 0.79 -2.39
C CYS A 209 15.57 1.71 -1.19
N HIS A 210 14.51 2.43 -0.81
CA HIS A 210 14.51 3.21 0.42
C HIS A 210 13.97 2.46 1.61
N LEU A 211 13.23 1.38 1.39
CA LEU A 211 12.59 0.73 2.51
C LEU A 211 13.56 -0.18 3.23
N LEU A 212 14.33 -0.94 2.50
CA LEU A 212 15.21 -1.93 3.10
C LEU A 212 16.39 -1.36 3.89
N PRO A 213 17.05 -0.25 3.52
CA PRO A 213 18.05 0.32 4.45
C PRO A 213 17.44 0.96 5.67
N LEU A 214 16.17 1.33 5.63
CA LEU A 214 15.51 1.80 6.84
C LEU A 214 15.34 0.67 7.85
N LEU A 215 14.90 -0.50 7.39
CA LEU A 215 14.55 -1.58 8.29
C LEU A 215 15.76 -2.33 8.81
N VAL A 216 16.94 -2.14 8.21
CA VAL A 216 18.15 -2.71 8.79
C VAL A 216 18.48 -2.00 10.09
N GLY A 217 18.11 -0.74 10.23
CA GLY A 217 18.35 -0.01 11.46
C GLY A 217 17.48 -0.41 12.63
N TYR A 218 16.48 -1.27 12.41
CA TYR A 218 15.61 -1.75 13.48
C TYR A 218 15.81 -3.25 13.70
N LEU A 219 17.05 -3.69 13.57
CA LEU A 219 17.43 -5.07 13.81
C LEU A 219 18.37 -5.15 14.99
N LYS A 220 18.06 -4.40 16.06
CA LYS A 220 18.93 -4.35 17.24
C LYS A 220 18.98 -5.67 18.00
N ASN A 221 18.02 -6.56 17.74
CA ASN A 221 18.02 -7.90 18.32
C ASN A 221 19.15 -8.79 17.77
N GLY A 222 19.68 -8.47 16.60
CA GLY A 222 20.50 -9.41 15.85
C GLY A 222 21.88 -9.76 16.35
N GLU A 223 22.23 -9.29 17.56
CA GLU A 223 23.54 -9.48 18.19
C GLU A 223 24.62 -8.76 17.37
N ALA A 224 24.26 -7.59 16.85
CA ALA A 224 25.17 -6.76 16.08
C ALA A 224 25.13 -5.35 16.63
N SER A 225 26.28 -4.68 16.62
CA SER A 225 26.38 -3.35 17.20
C SER A 225 25.81 -2.33 16.22
N ALA A 226 26.00 -1.05 16.52
CA ALA A 226 25.58 -0.01 15.58
C ALA A 226 26.54 0.03 14.39
N ALA A 227 27.83 -0.04 14.63
CA ALA A 227 28.83 0.07 13.56
C ALA A 227 28.96 -1.20 12.73
N VAL A 228 28.24 -2.26 13.06
CA VAL A 228 28.14 -3.41 12.16
C VAL A 228 26.96 -3.24 11.22
N LEU A 229 25.81 -2.84 11.75
CA LEU A 229 24.65 -2.63 10.90
C LEU A 229 24.78 -1.38 10.07
N SER A 230 25.49 -0.37 10.55
CA SER A 230 25.54 0.88 9.79
C SER A 230 26.47 0.83 8.60
N ASP A 231 27.22 -0.25 8.42
CA ASP A 231 27.93 -0.50 7.18
C ASP A 231 27.29 -1.63 6.40
N MET A 232 26.19 -2.15 6.88
CA MET A 232 25.29 -2.99 6.11
C MET A 232 24.25 -2.15 5.41
N GLN A 233 23.95 -0.97 5.94
CA GLN A 233 23.16 0.01 5.22
C GLN A 233 23.96 0.72 4.15
N LEU A 234 25.28 0.63 4.23
CA LEU A 234 26.13 1.34 3.30
C LEU A 234 26.46 0.48 2.10
N SER A 235 26.65 -0.81 2.31
CA SER A 235 27.05 -1.69 1.22
C SER A 235 25.90 -2.05 0.32
N ILE A 236 24.68 -2.11 0.86
CA ILE A 236 23.53 -2.44 0.04
C ILE A 236 22.89 -1.20 -0.57
N SER A 237 23.27 0.00 -0.13
CA SER A 237 22.80 1.22 -0.78
C SER A 237 23.71 1.63 -1.92
N ARG A 238 24.99 1.33 -1.81
CA ARG A 238 25.93 1.49 -2.91
C ARG A 238 25.80 0.40 -3.97
N GLY A 239 24.87 -0.54 -3.79
CA GLY A 239 24.68 -1.60 -4.75
C GLY A 239 23.29 -1.57 -5.33
N PHE A 240 22.35 -0.98 -4.61
CA PHE A 240 21.05 -0.70 -5.21
C PHE A 240 21.13 0.41 -6.23
N SER A 241 22.16 1.23 -6.18
CA SER A 241 22.26 2.40 -7.04
C SER A 241 22.63 2.06 -8.47
N ILE A 242 23.25 0.93 -8.73
CA ILE A 242 23.41 0.55 -10.12
C ILE A 242 22.11 -0.01 -10.66
N VAL A 243 21.38 -0.77 -9.85
CA VAL A 243 20.09 -1.32 -10.28
C VAL A 243 19.03 -0.22 -10.43
N MET A 244 19.20 0.91 -9.76
CA MET A 244 18.34 2.04 -10.06
C MET A 244 18.74 2.74 -11.35
N LEU A 245 20.03 2.77 -11.70
CA LEU A 245 20.40 3.42 -12.94
C LEU A 245 20.06 2.60 -14.17
N ILE A 246 20.02 1.28 -14.06
CA ILE A 246 19.76 0.50 -15.25
C ILE A 246 18.27 0.54 -15.57
N SER A 247 17.42 0.78 -14.57
CA SER A 247 16.01 0.99 -14.84
C SER A 247 15.66 2.46 -15.00
N TYR A 248 16.58 3.25 -15.45
CA TYR A 248 16.27 4.56 -16.01
C TYR A 248 16.88 4.71 -17.40
N ILE A 249 18.08 4.16 -17.61
CA ILE A 249 18.63 4.10 -18.96
C ILE A 249 17.80 3.19 -19.84
N ALA A 250 17.13 2.20 -19.26
CA ALA A 250 16.12 1.48 -20.04
C ALA A 250 14.90 2.36 -20.29
N TYR A 251 14.55 3.25 -19.37
CA TYR A 251 13.36 4.07 -19.53
C TYR A 251 13.53 5.13 -20.60
N LEU A 252 14.76 5.54 -20.87
CA LEU A 252 14.98 6.42 -22.00
C LEU A 252 14.82 5.68 -23.32
N VAL A 253 15.31 4.44 -23.39
CA VAL A 253 15.25 3.68 -24.64
C VAL A 253 13.81 3.35 -25.00
N PHE A 254 13.02 3.00 -23.99
CA PHE A 254 11.59 2.77 -24.18
C PHE A 254 10.87 3.99 -24.70
N GLN A 255 11.25 5.16 -24.22
CA GLN A 255 10.58 6.38 -24.59
C GLN A 255 11.14 7.00 -25.85
N LEU A 256 12.45 7.06 -25.98
CA LEU A 256 13.01 7.76 -27.12
C LEU A 256 13.23 6.86 -28.32
N TRP A 257 13.09 5.56 -28.19
CA TRP A 257 13.26 4.80 -29.42
C TRP A 257 12.19 3.76 -29.69
N THR A 258 11.73 3.04 -28.67
CA THR A 258 10.85 1.92 -28.96
C THR A 258 9.42 2.37 -29.19
N HIS A 259 8.84 3.10 -28.24
CA HIS A 259 7.45 3.53 -28.37
C HIS A 259 7.40 5.05 -28.54
N ARG A 260 7.69 5.50 -29.76
CA ARG A 260 7.34 6.85 -30.19
C ARG A 260 6.09 6.81 -31.05
N GLN A 261 5.04 6.22 -30.50
CA GLN A 261 3.72 6.29 -31.11
C GLN A 261 2.85 7.31 -30.41
N LEU A 262 2.96 7.36 -29.08
CA LEU A 262 2.14 8.21 -28.24
C LEU A 262 2.93 8.88 -27.11
N PHE A 263 4.15 8.46 -26.84
CA PHE A 263 4.79 8.68 -25.56
C PHE A 263 5.93 9.67 -25.70
N VAL A 282 13.02 32.33 -34.15
CA VAL A 282 12.74 32.93 -32.86
C VAL A 282 14.04 33.42 -32.25
N ILE A 283 14.86 32.51 -31.74
CA ILE A 283 16.17 32.82 -31.20
C ILE A 283 17.18 31.96 -31.94
N SER A 284 18.23 32.60 -32.45
CA SER A 284 19.23 31.87 -33.20
C SER A 284 20.08 31.01 -32.27
N PHE A 285 20.62 29.92 -32.82
CA PHE A 285 21.24 28.88 -32.02
C PHE A 285 22.61 29.27 -31.51
N TRP A 286 23.36 30.09 -32.27
CA TRP A 286 24.67 30.54 -31.80
C TRP A 286 24.55 31.45 -30.59
N SER A 287 23.44 32.16 -30.48
CA SER A 287 23.09 32.83 -29.24
C SER A 287 22.34 31.93 -28.28
N GLY A 288 21.71 30.88 -28.79
CA GLY A 288 20.87 30.06 -27.93
C GLY A 288 21.67 29.20 -26.97
N PHE A 289 22.82 28.74 -27.40
CA PHE A 289 23.71 28.05 -26.50
C PHE A 289 24.33 28.99 -25.48
N ALA A 290 24.37 30.30 -25.78
CA ALA A 290 25.08 31.23 -24.93
C ALA A 290 24.35 31.45 -23.61
N TRP A 291 23.02 31.56 -23.64
CA TRP A 291 22.27 31.71 -22.40
C TRP A 291 21.84 30.38 -21.82
N LEU A 292 22.59 29.32 -22.07
CA LEU A 292 22.64 28.17 -21.20
C LEU A 292 24.07 27.93 -20.73
N VAL A 293 24.98 28.84 -21.09
CA VAL A 293 26.32 28.84 -20.52
C VAL A 293 26.32 29.70 -19.26
N GLY A 294 25.96 30.97 -19.40
CA GLY A 294 26.02 31.87 -18.28
C GLY A 294 24.97 31.59 -17.23
N MET A 295 23.74 31.31 -17.66
CA MET A 295 22.66 31.16 -16.69
C MET A 295 22.58 29.75 -16.14
N THR A 296 23.69 29.01 -16.20
CA THR A 296 23.92 27.95 -15.23
C THR A 296 25.05 28.34 -14.29
N LEU A 297 25.97 29.18 -14.77
CA LEU A 297 27.10 29.61 -13.93
C LEU A 297 26.63 30.46 -12.76
N VAL A 298 25.56 31.25 -12.94
CA VAL A 298 25.05 31.98 -11.80
C VAL A 298 24.35 31.03 -10.85
N ILE A 299 23.75 29.95 -11.37
CA ILE A 299 23.22 28.89 -10.51
C ILE A 299 24.33 28.06 -9.88
N ALA A 300 25.54 28.12 -10.43
CA ALA A 300 26.67 27.53 -9.70
C ALA A 300 27.14 28.46 -8.59
N LEU A 301 26.83 29.74 -8.68
CA LEU A 301 27.27 30.69 -7.67
C LEU A 301 26.22 30.81 -6.57
N LEU A 302 24.96 30.96 -6.96
CA LEU A 302 23.89 31.09 -5.98
C LEU A 302 23.41 29.76 -5.43
N SER A 303 24.16 28.69 -5.66
CA SER A 303 23.93 27.48 -4.88
C SER A 303 24.98 27.32 -3.80
N GLU A 304 26.18 27.85 -4.00
CA GLU A 304 27.14 27.87 -2.90
C GLU A 304 26.66 28.76 -1.77
N TYR A 305 25.95 29.84 -2.10
CA TYR A 305 25.52 30.72 -1.03
C TYR A 305 24.34 30.16 -0.26
N VAL A 306 23.54 29.29 -0.87
CA VAL A 306 22.45 28.67 -0.13
C VAL A 306 22.99 27.59 0.79
N VAL A 307 23.89 26.77 0.29
CA VAL A 307 24.31 25.61 1.05
C VAL A 307 25.22 25.99 2.20
N ALA A 308 26.17 26.88 1.96
CA ALA A 308 27.16 27.18 2.99
C ALA A 308 26.61 27.98 4.16
N THR A 309 25.43 28.56 4.04
CA THR A 309 24.85 29.40 5.08
C THR A 309 23.40 29.02 5.34
N ILE A 310 23.10 27.74 5.52
CA ILE A 310 21.73 27.38 5.88
C ILE A 310 21.58 27.13 7.37
N GLU A 311 22.67 26.90 8.11
CA GLU A 311 22.54 26.74 9.55
C GLU A 311 22.25 28.07 10.21
N GLU A 312 23.07 29.07 9.91
CA GLU A 312 22.99 30.34 10.60
C GLU A 312 21.77 31.15 10.17
N ALA A 313 21.10 30.77 9.08
CA ALA A 313 19.85 31.40 8.69
C ALA A 313 18.65 30.52 9.00
N SER A 314 18.81 29.52 9.85
CA SER A 314 17.69 28.83 10.44
C SER A 314 17.57 29.07 11.94
N ASP A 315 18.65 29.44 12.61
CA ASP A 315 18.56 29.93 13.98
C ASP A 315 17.85 31.27 14.03
N LYS A 316 18.15 32.15 13.08
CA LYS A 316 17.61 33.49 13.10
C LYS A 316 16.16 33.57 12.68
N TRP A 317 15.55 32.46 12.26
CA TRP A 317 14.13 32.42 11.99
C TRP A 317 13.38 31.40 12.83
N ASN A 318 14.10 30.53 13.55
CA ASN A 318 13.54 29.45 14.36
C ASN A 318 12.63 28.54 13.52
N LEU A 319 13.02 28.36 12.26
CA LEU A 319 12.50 27.32 11.41
C LEU A 319 13.44 26.13 11.51
N SER A 320 12.90 24.93 11.39
CA SER A 320 13.76 23.77 11.45
C SER A 320 14.44 23.55 10.10
N VAL A 321 15.67 23.00 10.13
CA VAL A 321 16.39 22.74 8.90
C VAL A 321 15.78 21.57 8.15
N SER A 322 14.97 20.75 8.82
CA SER A 322 14.13 19.81 8.10
C SER A 322 12.82 20.43 7.63
N PHE A 323 12.71 21.74 7.61
CA PHE A 323 11.63 22.44 6.95
C PHE A 323 12.13 23.35 5.85
N ILE A 324 13.31 23.94 6.02
CA ILE A 324 13.85 24.74 4.95
C ILE A 324 14.31 23.85 3.80
N SER A 325 14.94 22.73 4.12
CA SER A 325 15.48 21.86 3.10
C SER A 325 14.43 21.02 2.40
N ILE A 326 13.23 20.90 2.95
CA ILE A 326 12.20 20.05 2.37
C ILE A 326 11.00 20.83 1.87
N ILE A 327 10.79 22.08 2.29
CA ILE A 327 9.65 22.82 1.78
C ILE A 327 10.09 24.07 1.05
N LEU A 328 10.76 24.99 1.73
CA LEU A 328 11.03 26.29 1.13
C LEU A 328 12.03 26.20 -0.02
N LEU A 329 12.97 25.30 0.06
CA LEU A 329 13.94 25.15 -1.00
C LEU A 329 13.37 24.43 -2.23
N PRO A 330 12.40 23.39 -2.12
CA PRO A 330 11.67 22.94 -3.31
C PRO A 330 10.50 23.82 -3.76
N ILE A 331 10.75 25.11 -3.84
CA ILE A 331 9.85 26.04 -4.53
C ILE A 331 10.72 26.67 -5.61
N VAL A 332 12.01 26.73 -5.34
CA VAL A 332 12.95 27.17 -6.35
C VAL A 332 13.11 26.11 -7.43
N GLY A 333 13.35 24.87 -7.03
CA GLY A 333 13.65 23.81 -7.98
C GLY A 333 12.49 23.34 -8.81
N ASN A 334 11.27 23.74 -8.47
CA ASN A 334 10.07 23.45 -9.22
C ASN A 334 9.30 24.72 -9.51
N ALA A 335 10.02 25.76 -9.90
CA ALA A 335 9.40 27.02 -10.26
C ALA A 335 9.14 27.13 -11.75
N ALA A 336 9.71 26.24 -12.56
CA ALA A 336 9.37 26.16 -13.97
C ALA A 336 8.45 25.01 -14.26
N GLU A 337 8.52 23.95 -13.48
CA GLU A 337 7.62 22.82 -13.60
C GLU A 337 6.23 23.11 -13.05
N HIS A 338 6.01 24.30 -12.49
CA HIS A 338 4.76 24.65 -11.85
C HIS A 338 3.95 25.60 -12.71
N ALA A 339 4.54 26.71 -13.12
CA ALA A 339 3.90 27.62 -14.06
C ALA A 339 4.10 27.19 -15.51
N GLY A 340 4.67 26.03 -15.75
CA GLY A 340 4.70 25.46 -17.08
C GLY A 340 3.77 24.27 -17.15
N ALA A 341 3.09 24.01 -16.04
CA ALA A 341 2.04 23.00 -15.98
C ALA A 341 0.65 23.58 -15.77
N VAL A 342 0.55 24.74 -15.12
CA VAL A 342 -0.71 25.46 -15.04
C VAL A 342 -0.95 26.26 -16.32
N ILE A 343 0.02 26.32 -17.22
CA ILE A 343 -0.30 26.72 -18.60
C ILE A 343 -1.22 25.69 -19.23
N PHE A 344 -0.81 24.42 -19.18
CA PHE A 344 -1.52 23.41 -19.94
C PHE A 344 -2.72 22.81 -19.20
N ALA A 345 -2.92 23.14 -17.94
CA ALA A 345 -4.13 22.64 -17.30
C ALA A 345 -5.35 23.41 -17.74
N PHE A 346 -5.19 24.67 -18.16
CA PHE A 346 -6.32 25.47 -18.61
C PHE A 346 -6.76 25.14 -20.02
N LYS A 347 -5.93 24.46 -20.79
CA LYS A 347 -6.26 24.15 -22.18
C LYS A 347 -6.93 22.80 -22.34
N ASN A 348 -7.34 22.19 -21.23
CA ASN A 348 -7.85 20.82 -21.16
C ASN A 348 -6.85 19.86 -21.79
N LYS A 349 -5.57 20.11 -21.57
CA LYS A 349 -4.52 19.22 -22.03
C LYS A 349 -3.82 18.74 -20.78
N LEU A 350 -4.39 17.74 -20.14
CA LEU A 350 -3.76 17.20 -18.96
C LEU A 350 -2.72 16.14 -19.30
N ASP A 351 -2.54 15.81 -20.57
CA ASP A 351 -1.48 14.89 -20.93
C ASP A 351 -0.12 15.52 -20.73
N ILE A 352 -0.03 16.83 -20.85
CA ILE A 352 1.26 17.49 -20.68
C ILE A 352 1.53 17.81 -19.23
N SER A 353 0.51 18.21 -18.46
CA SER A 353 0.65 18.38 -17.02
C SER A 353 0.61 17.07 -16.25
N LEU A 354 0.72 15.93 -16.93
CA LEU A 354 1.15 14.69 -16.34
C LEU A 354 2.47 14.21 -16.90
N GLY A 355 3.01 14.90 -17.89
CA GLY A 355 4.31 14.56 -18.41
C GLY A 355 5.33 15.48 -17.81
N VAL A 356 4.84 16.52 -17.14
CA VAL A 356 5.70 17.41 -16.37
C VAL A 356 5.73 17.00 -14.91
N ALA A 357 4.58 16.69 -14.33
CA ALA A 357 4.54 16.38 -12.91
C ALA A 357 5.13 15.01 -12.62
N LEU A 358 4.80 14.01 -13.43
CA LEU A 358 5.32 12.66 -13.19
C LEU A 358 6.68 12.45 -13.83
N GLY A 359 6.88 12.95 -15.05
CA GLY A 359 8.12 12.73 -15.74
C GLY A 359 9.30 13.49 -15.17
N SER A 360 9.07 14.40 -14.24
CA SER A 360 10.15 15.03 -13.52
C SER A 360 10.43 14.34 -12.19
N ALA A 361 9.40 13.75 -11.58
CA ALA A 361 9.61 13.07 -10.31
C ALA A 361 10.36 11.77 -10.48
N THR A 362 10.31 11.16 -11.66
CA THR A 362 11.05 9.92 -11.89
C THR A 362 12.55 10.16 -11.91
N GLN A 363 13.00 11.24 -12.54
CA GLN A 363 14.43 11.52 -12.56
C GLN A 363 14.95 11.91 -11.19
N ILE A 364 14.14 12.64 -10.40
CA ILE A 364 14.52 12.89 -9.01
C ILE A 364 14.40 11.62 -8.19
N GLY A 365 13.62 10.66 -8.65
CA GLY A 365 13.62 9.37 -8.01
C GLY A 365 14.78 8.50 -8.40
N LEU A 366 15.07 8.39 -9.69
CA LEU A 366 15.92 7.31 -10.19
C LEU A 366 17.13 7.77 -10.99
N PHE A 367 17.38 9.04 -11.07
CA PHE A 367 18.68 9.40 -11.62
C PHE A 367 19.43 10.40 -10.76
N VAL A 368 18.74 11.33 -10.10
CA VAL A 368 19.48 12.29 -9.32
C VAL A 368 19.83 11.70 -7.96
N VAL A 369 19.00 10.82 -7.43
CA VAL A 369 19.34 10.13 -6.19
C VAL A 369 20.43 9.08 -6.44
N PRO A 370 20.30 8.07 -7.35
CA PRO A 370 21.36 7.07 -7.42
C PRO A 370 22.55 7.50 -8.25
N LEU A 371 22.71 8.78 -8.50
CA LEU A 371 24.01 9.27 -8.91
C LEU A 371 24.77 9.86 -7.74
N THR A 372 24.04 10.44 -6.77
CA THR A 372 24.67 10.98 -5.58
C THR A 372 25.22 9.88 -4.68
N ILE A 373 24.63 8.69 -4.71
CA ILE A 373 25.17 7.59 -3.92
C ILE A 373 26.46 7.08 -4.55
N ILE A 374 26.54 7.14 -5.88
CA ILE A 374 27.76 6.75 -6.57
C ILE A 374 28.83 7.84 -6.39
N VAL A 375 28.43 9.11 -6.50
CA VAL A 375 29.40 10.21 -6.44
C VAL A 375 30.05 10.28 -5.06
N ALA A 376 29.29 10.01 -4.01
CA ALA A 376 29.88 9.92 -2.68
C ALA A 376 30.86 8.77 -2.60
N TRP A 377 30.45 7.61 -3.09
CA TRP A 377 31.28 6.41 -2.98
C TRP A 377 32.51 6.49 -3.87
N ILE A 378 32.47 7.24 -4.97
CA ILE A 378 33.70 7.49 -5.69
C ILE A 378 34.59 8.44 -4.90
N LEU A 379 33.99 9.42 -4.22
CA LEU A 379 34.81 10.29 -3.39
C LEU A 379 35.21 9.62 -2.08
N GLY A 380 34.35 8.77 -1.54
CA GLY A 380 34.69 8.12 -0.28
C GLY A 380 34.03 8.78 0.91
N ILE A 381 32.75 9.09 0.79
CA ILE A 381 31.97 9.76 1.82
C ILE A 381 30.81 8.86 2.19
N ASN A 382 30.62 8.65 3.49
CA ASN A 382 29.60 7.74 4.00
C ASN A 382 28.23 8.32 3.70
N MET A 383 27.55 7.76 2.71
CA MET A 383 26.17 8.14 2.45
C MET A 383 25.39 6.94 1.93
N ASP A 384 24.30 6.64 2.60
CA ASP A 384 23.37 5.59 2.25
C ASP A 384 22.06 6.20 1.78
N LEU A 385 21.07 5.34 1.54
CA LEU A 385 19.74 5.79 1.16
C LEU A 385 18.79 5.88 2.34
N ASN A 386 19.30 5.90 3.56
CA ASN A 386 18.44 5.98 4.74
C ASN A 386 17.94 7.42 4.86
N PHE A 387 16.64 7.62 4.73
CA PHE A 387 16.07 8.94 4.95
C PHE A 387 15.37 9.08 6.28
N GLY A 388 15.08 8.00 6.99
CA GLY A 388 14.47 8.08 8.29
C GLY A 388 13.13 7.39 8.30
N PRO A 389 12.53 7.26 9.48
CA PRO A 389 11.23 6.60 9.56
C PRO A 389 10.08 7.53 9.27
N LEU A 390 10.29 8.82 9.51
CA LEU A 390 9.20 9.78 9.37
C LEU A 390 9.05 10.23 7.92
N GLU A 391 10.16 10.31 7.20
CA GLU A 391 10.17 10.72 5.80
C GLU A 391 9.67 9.64 4.88
N THR A 392 9.74 8.39 5.29
CA THR A 392 9.39 7.29 4.40
C THR A 392 7.88 7.11 4.30
N GLY A 393 7.15 7.29 5.40
CA GLY A 393 5.71 7.20 5.35
C GLY A 393 5.06 8.28 4.49
N CYS A 394 5.67 9.46 4.43
CA CYS A 394 5.17 10.52 3.56
C CYS A 394 5.42 10.18 2.10
N LEU A 395 6.59 9.62 1.79
CA LEU A 395 6.87 9.15 0.44
C LEU A 395 6.07 7.90 0.08
N ALA A 396 5.63 7.12 1.06
CA ALA A 396 4.90 5.92 0.73
C ALA A 396 3.45 6.23 0.42
N VAL A 397 2.85 7.18 1.13
CA VAL A 397 1.45 7.48 0.90
C VAL A 397 1.28 8.28 -0.38
N SER A 398 2.27 9.12 -0.71
CA SER A 398 2.19 9.97 -1.88
C SER A 398 2.15 9.18 -3.18
N ILE A 399 2.74 7.98 -3.20
CA ILE A 399 2.69 7.16 -4.38
C ILE A 399 1.36 6.41 -4.45
N ILE A 400 0.78 6.07 -3.31
CA ILE A 400 -0.47 5.31 -3.32
C ILE A 400 -1.66 6.22 -3.57
N ILE A 401 -1.68 7.41 -3.00
CA ILE A 401 -2.80 8.32 -3.27
C ILE A 401 -2.74 8.84 -4.69
N THR A 402 -1.56 8.91 -5.30
CA THR A 402 -1.49 9.41 -6.66
C THR A 402 -1.98 8.35 -7.64
N ALA A 403 -1.85 7.08 -7.29
CA ALA A 403 -2.25 6.04 -8.21
C ALA A 403 -3.76 5.92 -8.28
N PHE A 404 -4.45 6.05 -7.15
CA PHE A 404 -5.90 5.97 -7.18
C PHE A 404 -6.53 7.22 -7.76
N THR A 405 -5.79 8.32 -7.81
CA THR A 405 -6.32 9.53 -8.42
C THR A 405 -6.33 9.42 -9.94
N LEU A 406 -5.42 8.65 -10.51
CA LEU A 406 -5.22 8.63 -11.95
C LEU A 406 -5.74 7.36 -12.60
N GLN A 407 -6.48 6.51 -11.90
CA GLN A 407 -6.72 5.18 -12.43
C GLN A 407 -7.96 5.10 -13.31
N ASP A 408 -8.50 6.23 -13.76
CA ASP A 408 -9.59 6.11 -14.73
C ASP A 408 -9.51 7.07 -15.90
N GLY A 409 -8.67 8.10 -15.86
CA GLY A 409 -8.57 8.97 -17.01
C GLY A 409 -9.66 10.00 -17.14
N SER A 410 -10.21 10.47 -16.02
CA SER A 410 -11.18 11.56 -16.06
C SER A 410 -11.00 12.36 -14.78
N SER A 411 -10.87 13.66 -14.91
CA SER A 411 -10.50 14.50 -13.79
C SER A 411 -11.55 15.57 -13.54
N HIS A 412 -11.86 15.77 -12.27
CA HIS A 412 -12.57 16.93 -11.78
C HIS A 412 -11.72 17.54 -10.68
N TYR A 413 -12.21 18.62 -10.08
CA TYR A 413 -11.35 19.39 -9.20
C TYR A 413 -11.17 18.75 -7.83
N MET A 414 -12.12 17.93 -7.38
CA MET A 414 -12.02 17.33 -6.07
C MET A 414 -10.91 16.29 -6.01
N LYS A 415 -10.46 15.80 -7.16
CA LYS A 415 -9.24 15.00 -7.18
C LYS A 415 -8.01 15.83 -6.88
N GLY A 416 -8.10 17.14 -7.02
CA GLY A 416 -6.93 17.99 -6.86
C GLY A 416 -6.86 18.67 -5.52
N LEU A 417 -8.01 19.01 -4.94
CA LEU A 417 -8.00 19.59 -3.61
C LEU A 417 -7.60 18.57 -2.55
N VAL A 418 -7.85 17.28 -2.79
CA VAL A 418 -7.36 16.26 -1.88
C VAL A 418 -5.85 16.13 -1.97
N LEU A 419 -5.26 16.36 -3.14
CA LEU A 419 -3.82 16.32 -3.20
C LEU A 419 -3.18 17.57 -2.61
N LEU A 420 -3.89 18.70 -2.58
CA LEU A 420 -3.30 19.85 -1.92
C LEU A 420 -3.27 19.68 -0.42
N LEU A 421 -4.38 19.28 0.16
CA LEU A 421 -4.45 19.18 1.61
C LEU A 421 -3.64 18.03 2.15
N CYS A 422 -3.33 17.03 1.32
CA CYS A 422 -2.35 16.03 1.70
C CYS A 422 -0.93 16.49 1.51
N TYR A 423 -0.71 17.70 1.02
CA TYR A 423 0.62 18.30 1.09
C TYR A 423 0.75 19.24 2.26
N PHE A 424 -0.35 19.82 2.73
CA PHE A 424 -0.24 20.64 3.93
C PHE A 424 -0.10 19.79 5.17
N ILE A 425 -0.42 18.51 5.11
CA ILE A 425 -0.14 17.62 6.23
C ILE A 425 1.36 17.41 6.37
N ILE A 426 2.06 17.31 5.24
CA ILE A 426 3.50 17.17 5.28
C ILE A 426 4.15 18.47 5.71
N ALA A 427 3.49 19.60 5.48
CA ALA A 427 4.07 20.87 5.94
C ALA A 427 3.94 21.03 7.44
N ILE A 428 2.83 20.58 8.01
CA ILE A 428 2.59 20.77 9.44
C ILE A 428 3.50 19.88 10.28
N CYS A 429 3.69 18.64 9.85
CA CYS A 429 4.52 17.69 10.59
C CYS A 429 5.99 18.10 10.60
N PHE A 430 6.43 18.81 9.58
CA PHE A 430 7.80 19.30 9.51
C PHE A 430 7.95 20.76 9.89
N PHE A 431 6.86 21.47 10.16
CA PHE A 431 7.00 22.78 10.77
C PHE A 431 7.21 22.69 12.26
N VAL A 432 6.59 21.71 12.89
CA VAL A 432 6.64 21.59 14.34
C VAL A 432 7.95 20.98 14.77
N ASP A 433 8.50 20.09 13.96
CA ASP A 433 9.53 19.15 14.37
C ASP A 433 10.84 19.89 14.60
N LYS A 434 10.95 20.55 15.75
CA LYS A 434 12.12 21.30 16.15
C LYS A 434 12.95 20.31 16.95
N LEU A 435 13.79 19.55 16.26
CA LEU A 435 14.46 18.43 16.87
C LEU A 435 15.78 18.20 16.11
N PRO A 436 16.91 18.07 16.83
CA PRO A 436 18.22 17.86 16.19
C PRO A 436 18.41 16.43 15.66
N GLY B 58 -60.83 10.33 21.47
CA GLY B 58 -60.13 11.55 21.84
C GLY B 58 -59.10 11.98 20.83
N LEU B 59 -57.83 11.78 21.14
CA LEU B 59 -56.75 12.13 20.24
C LEU B 59 -56.64 11.06 19.16
N LYS B 60 -56.99 11.41 17.93
CA LYS B 60 -56.99 10.45 16.83
C LYS B 60 -55.66 10.44 16.07
N ASP B 61 -54.83 11.49 16.24
CA ASP B 61 -53.50 11.53 15.67
C ASP B 61 -52.51 10.63 16.39
N PHE B 62 -52.93 9.87 17.41
CA PHE B 62 -52.02 9.13 18.27
C PHE B 62 -52.21 7.62 18.23
N LEU B 63 -53.37 7.14 17.78
CA LEU B 63 -53.71 5.73 17.95
C LEU B 63 -52.90 4.83 17.03
N SER B 64 -53.04 5.01 15.72
CA SER B 64 -52.34 4.18 14.76
C SER B 64 -51.02 4.80 14.30
N ASN B 65 -50.84 6.09 14.50
CA ASN B 65 -49.55 6.70 14.19
C ASN B 65 -48.45 6.15 15.09
N LEU B 66 -48.79 5.88 16.35
CA LEU B 66 -47.86 5.21 17.24
C LEU B 66 -47.57 3.79 16.76
N GLN B 67 -48.56 3.14 16.17
CA GLN B 67 -48.31 1.87 15.50
C GLN B 67 -47.47 2.07 14.25
N GLU B 68 -47.58 3.23 13.61
CA GLU B 68 -46.81 3.50 12.41
C GLU B 68 -45.34 3.79 12.74
N VAL B 69 -45.09 4.53 13.82
CA VAL B 69 -43.72 4.93 14.12
C VAL B 69 -42.96 3.79 14.79
N ILE B 70 -43.44 3.36 15.96
CA ILE B 70 -42.64 2.50 16.82
C ILE B 70 -42.62 1.07 16.31
N LEU B 71 -43.78 0.44 16.24
CA LEU B 71 -43.83 -1.01 16.15
C LEU B 71 -43.51 -1.53 14.75
N GLY B 72 -43.48 -0.66 13.75
CA GLY B 72 -43.22 -1.10 12.38
C GLY B 72 -41.76 -1.37 12.10
N THR B 73 -41.21 -2.41 12.72
CA THR B 73 -39.81 -2.76 12.53
C THR B 73 -39.63 -4.23 12.87
N LYS B 74 -38.54 -4.82 12.35
CA LYS B 74 -38.26 -6.24 12.53
C LYS B 74 -37.69 -6.58 13.89
N LEU B 75 -37.52 -5.61 14.77
CA LEU B 75 -36.86 -5.84 16.04
C LEU B 75 -37.80 -5.43 17.17
N ALA B 76 -39.04 -5.91 17.11
CA ALA B 76 -40.05 -5.58 18.10
C ALA B 76 -39.74 -6.11 19.49
N ILE B 77 -38.94 -7.18 19.59
CA ILE B 77 -38.71 -7.84 20.87
C ILE B 77 -37.56 -7.21 21.64
N LEU B 78 -36.73 -6.40 21.00
CA LEU B 78 -35.65 -5.73 21.71
C LEU B 78 -36.10 -4.46 22.42
N PHE B 79 -37.35 -4.03 22.23
CA PHE B 79 -37.80 -2.80 22.89
C PHE B 79 -37.92 -2.93 24.41
N PRO B 80 -38.69 -3.91 25.00
CA PRO B 80 -38.96 -3.79 26.43
C PRO B 80 -37.78 -4.16 27.34
N ALA B 81 -36.60 -4.34 26.76
CA ALA B 81 -35.37 -4.33 27.55
C ALA B 81 -34.83 -2.92 27.78
N ILE B 82 -35.46 -1.88 27.22
CA ILE B 82 -35.07 -0.51 27.53
C ILE B 82 -35.43 -0.08 28.96
N PRO B 83 -36.69 -0.13 29.45
CA PRO B 83 -36.95 0.51 30.75
C PRO B 83 -36.37 -0.24 31.92
N ALA B 84 -35.99 -1.51 31.74
CA ALA B 84 -35.31 -2.25 32.80
C ALA B 84 -33.93 -1.69 33.07
N ALA B 85 -33.24 -1.22 32.02
CA ALA B 85 -31.97 -0.54 32.18
C ALA B 85 -32.11 0.78 32.92
N ILE B 86 -33.30 1.38 32.91
CA ILE B 86 -33.58 2.41 33.88
C ILE B 86 -33.92 1.79 35.22
N ILE B 87 -34.72 0.73 35.23
CA ILE B 87 -35.25 0.18 36.47
C ILE B 87 -34.18 -0.52 37.28
N CYS B 88 -33.28 -1.26 36.62
CA CYS B 88 -32.16 -1.85 37.34
C CYS B 88 -31.19 -0.79 37.84
N THR B 89 -31.00 0.29 37.08
CA THR B 89 -30.19 1.38 37.57
C THR B 89 -30.93 2.18 38.64
N TYR B 90 -32.26 2.25 38.55
CA TYR B 90 -33.03 2.88 39.62
C TYR B 90 -33.04 2.00 40.87
N CYS B 91 -32.87 0.69 40.72
CA CYS B 91 -32.76 -0.19 41.88
C CYS B 91 -31.31 -0.37 42.31
N GLY B 92 -30.44 -0.82 41.41
CA GLY B 92 -29.07 -1.05 41.81
C GLY B 92 -28.58 -2.46 41.55
N VAL B 93 -29.15 -3.11 40.53
CA VAL B 93 -28.64 -4.41 40.07
C VAL B 93 -27.22 -4.23 39.53
N SER B 94 -26.38 -5.25 39.72
CA SER B 94 -24.95 -5.18 39.50
C SER B 94 -24.60 -4.82 38.05
N GLN B 95 -23.47 -4.15 37.90
CA GLN B 95 -23.11 -3.43 36.69
C GLN B 95 -22.98 -4.19 35.37
N PRO B 96 -22.62 -5.48 35.31
CA PRO B 96 -22.71 -6.16 34.01
C PRO B 96 -24.12 -6.38 33.53
N TRP B 97 -25.11 -6.41 34.43
CA TRP B 97 -26.48 -6.53 33.99
C TRP B 97 -27.04 -5.23 33.41
N ILE B 98 -26.44 -4.09 33.74
CA ILE B 98 -26.78 -2.85 33.03
C ILE B 98 -26.15 -2.86 31.64
N PHE B 99 -24.91 -3.33 31.55
CA PHE B 99 -24.19 -3.35 30.28
C PHE B 99 -24.79 -4.36 29.31
N GLY B 100 -25.40 -5.42 29.81
CA GLY B 100 -26.04 -6.37 28.91
C GLY B 100 -27.32 -5.84 28.30
N LEU B 101 -28.00 -4.95 29.01
CA LEU B 101 -29.25 -4.38 28.52
C LEU B 101 -29.02 -3.13 27.68
N SER B 102 -28.00 -2.34 28.00
CA SER B 102 -27.79 -1.10 27.27
C SER B 102 -27.08 -1.30 25.94
N LEU B 103 -26.68 -2.52 25.60
CA LEU B 103 -26.41 -2.83 24.20
C LEU B 103 -27.56 -3.54 23.54
N LEU B 104 -28.61 -3.89 24.27
CA LEU B 104 -29.84 -4.36 23.67
C LEU B 104 -30.92 -3.29 23.65
N GLY B 105 -30.75 -2.24 24.42
CA GLY B 105 -31.69 -1.15 24.36
C GLY B 105 -31.38 -0.13 23.32
N LEU B 106 -30.26 -0.27 22.61
CA LEU B 106 -29.88 0.67 21.57
C LEU B 106 -29.79 0.04 20.20
N THR B 107 -30.26 -1.18 20.03
CA THR B 107 -30.38 -1.69 18.66
C THR B 107 -31.67 -1.16 18.00
N PRO B 108 -32.89 -1.23 18.61
CA PRO B 108 -34.01 -0.61 17.90
C PRO B 108 -34.14 0.87 18.14
N LEU B 109 -33.10 1.54 18.63
CA LEU B 109 -33.08 3.00 18.63
C LEU B 109 -32.02 3.59 17.73
N ALA B 110 -30.99 2.84 17.41
CA ALA B 110 -30.12 3.16 16.29
C ALA B 110 -30.60 2.50 15.02
N GLU B 111 -31.88 2.13 14.97
CA GLU B 111 -32.59 1.74 13.75
C GLU B 111 -33.87 2.53 13.54
N ARG B 112 -34.61 2.83 14.61
CA ARG B 112 -35.80 3.67 14.53
C ARG B 112 -35.50 5.14 14.57
N VAL B 113 -34.24 5.50 14.39
CA VAL B 113 -33.86 6.85 14.04
C VAL B 113 -33.50 6.96 12.57
N SER B 114 -32.78 5.98 12.03
CA SER B 114 -32.52 5.96 10.59
C SER B 114 -33.76 5.62 9.78
N PHE B 115 -34.78 5.01 10.40
CA PHE B 115 -36.09 4.99 9.75
C PHE B 115 -36.66 6.39 9.65
N LEU B 116 -36.47 7.21 10.68
CA LEU B 116 -37.06 8.53 10.75
C LEU B 116 -36.17 9.61 10.17
N THR B 117 -35.25 9.25 9.30
CA THR B 117 -34.61 10.20 8.41
C THR B 117 -35.31 10.27 7.06
N GLU B 118 -35.51 9.13 6.42
CA GLU B 118 -36.14 9.10 5.10
C GLU B 118 -37.62 9.41 5.14
N GLN B 119 -38.25 9.40 6.32
CA GLN B 119 -39.55 10.00 6.47
C GLN B 119 -39.47 11.47 6.89
N LEU B 120 -38.29 12.07 6.81
CA LEU B 120 -38.15 13.51 6.93
C LEU B 120 -37.53 14.13 5.69
N ALA B 121 -37.50 13.41 4.57
CA ALA B 121 -37.17 14.02 3.29
C ALA B 121 -38.40 14.59 2.58
N PHE B 122 -39.59 14.34 3.11
CA PHE B 122 -40.80 14.79 2.45
C PHE B 122 -41.02 16.28 2.60
N TYR B 123 -40.82 16.81 3.80
CA TYR B 123 -41.09 18.23 4.04
C TYR B 123 -39.88 19.11 3.77
N THR B 124 -38.67 18.56 3.77
CA THR B 124 -37.46 19.34 3.67
C THR B 124 -36.73 19.24 2.33
N GLY B 125 -36.98 18.19 1.55
CA GLY B 125 -36.33 18.04 0.28
C GLY B 125 -35.04 17.28 0.40
N PRO B 126 -34.51 16.82 -0.74
CA PRO B 126 -33.31 15.95 -0.70
C PRO B 126 -32.03 16.69 -0.38
N THR B 127 -32.04 18.02 -0.33
CA THR B 127 -30.83 18.76 0.04
C THR B 127 -30.56 18.61 1.53
N LEU B 128 -31.55 18.88 2.36
CA LEU B 128 -31.38 18.61 3.79
C LEU B 128 -31.47 17.12 4.08
N GLY B 129 -32.40 16.43 3.42
CA GLY B 129 -32.63 15.02 3.65
C GLY B 129 -31.52 14.10 3.18
N GLY B 130 -30.60 14.59 2.37
CA GLY B 130 -29.44 13.81 2.01
C GLY B 130 -28.44 13.80 3.15
N LEU B 131 -28.28 14.96 3.79
CA LEU B 131 -27.27 15.10 4.83
C LEU B 131 -27.66 14.38 6.10
N LEU B 132 -28.96 14.29 6.38
CA LEU B 132 -29.39 13.63 7.60
C LEU B 132 -29.40 12.11 7.48
N ASN B 133 -29.11 11.56 6.31
CA ASN B 133 -28.93 10.12 6.17
C ASN B 133 -27.76 9.65 7.01
N ALA B 134 -26.56 10.12 6.67
CA ALA B 134 -25.34 9.73 7.35
C ALA B 134 -25.13 10.44 8.67
N THR B 135 -25.98 11.41 9.00
CA THR B 135 -25.81 12.10 10.27
C THR B 135 -26.43 11.31 11.40
N CYS B 136 -27.64 10.81 11.22
CA CYS B 136 -28.35 10.12 12.28
C CYS B 136 -28.20 8.61 12.22
N GLY B 137 -27.47 8.08 11.24
CA GLY B 137 -27.09 6.69 11.27
C GLY B 137 -25.86 6.51 12.12
N ASN B 138 -25.16 7.60 12.34
CA ASN B 138 -24.05 7.68 13.28
C ASN B 138 -24.42 8.51 14.49
N ALA B 139 -25.67 8.44 14.90
CA ALA B 139 -26.12 9.13 16.10
C ALA B 139 -25.93 8.29 17.34
N THR B 140 -25.06 7.31 17.29
CA THR B 140 -24.63 6.60 18.49
C THR B 140 -23.17 6.80 18.77
N GLU B 141 -22.30 6.73 17.76
CA GLU B 141 -20.88 7.01 17.98
C GLU B 141 -20.65 8.45 18.41
N LEU B 142 -21.47 9.39 17.99
CA LEU B 142 -21.25 10.76 18.45
C LEU B 142 -21.67 10.91 19.90
N ILE B 143 -22.61 10.09 20.35
CA ILE B 143 -23.05 10.20 21.73
C ILE B 143 -22.04 9.56 22.66
N ILE B 144 -21.54 8.38 22.29
CA ILE B 144 -20.63 7.64 23.15
C ILE B 144 -19.24 8.28 23.14
N ALA B 145 -18.71 8.61 21.97
CA ALA B 145 -17.37 9.19 21.92
C ALA B 145 -17.28 10.64 22.40
N ILE B 146 -18.34 11.23 22.93
CA ILE B 146 -18.21 12.41 23.77
C ILE B 146 -18.45 12.09 25.24
N LEU B 147 -19.34 11.15 25.56
CA LEU B 147 -19.50 10.77 26.96
C LEU B 147 -18.31 9.99 27.49
N ALA B 148 -17.45 9.48 26.62
CA ALA B 148 -16.27 8.79 27.09
C ALA B 148 -15.06 9.70 27.15
N LEU B 149 -15.01 10.71 26.30
CA LEU B 149 -13.93 11.68 26.34
C LEU B 149 -13.96 12.49 27.63
N THR B 150 -15.15 12.85 28.09
CA THR B 150 -15.31 13.62 29.31
C THR B 150 -15.26 12.77 30.58
N ASN B 151 -14.89 11.49 30.49
CA ASN B 151 -14.82 10.63 31.66
C ASN B 151 -13.50 9.90 31.74
N ASN B 152 -12.43 10.51 31.22
CA ASN B 152 -11.05 10.05 31.27
C ASN B 152 -10.80 8.74 30.54
N LYS B 153 -11.77 8.21 29.79
CA LYS B 153 -11.62 6.92 29.15
C LYS B 153 -11.30 7.04 27.67
N VAL B 154 -10.11 7.53 27.38
CA VAL B 154 -9.72 7.70 25.99
C VAL B 154 -9.74 6.39 25.24
N ALA B 155 -9.58 5.27 25.94
CA ALA B 155 -9.49 4.01 25.23
C ALA B 155 -10.68 3.87 24.28
N VAL B 156 -11.88 4.06 24.79
CA VAL B 156 -13.10 3.80 24.04
C VAL B 156 -13.29 4.84 22.93
N VAL B 157 -12.82 6.06 23.15
CA VAL B 157 -12.89 7.08 22.10
C VAL B 157 -11.90 6.73 21.00
N LYS B 158 -10.87 5.96 21.32
CA LYS B 158 -9.90 5.55 20.32
C LYS B 158 -10.21 4.20 19.69
N TYR B 159 -11.15 3.44 20.23
CA TYR B 159 -11.53 2.23 19.52
C TYR B 159 -12.88 2.32 18.85
N SER B 160 -13.87 2.94 19.48
CA SER B 160 -15.21 2.96 18.89
C SER B 160 -15.26 3.82 17.64
N LEU B 161 -14.44 4.85 17.56
CA LEU B 161 -14.31 5.60 16.32
C LEU B 161 -13.42 4.90 15.32
N LEU B 162 -12.73 3.83 15.72
CA LEU B 162 -12.01 2.98 14.78
C LEU B 162 -12.83 1.76 14.38
N GLY B 163 -13.56 1.17 15.32
CA GLY B 163 -14.35 0.00 15.03
C GLY B 163 -15.54 0.25 14.15
N SER B 164 -15.92 1.51 13.92
CA SER B 164 -16.89 1.85 12.90
C SER B 164 -16.26 2.13 11.56
N ILE B 165 -14.95 2.27 11.49
CA ILE B 165 -14.33 2.37 10.20
C ILE B 165 -14.08 0.98 9.65
N LEU B 166 -13.79 0.01 10.52
CA LEU B 166 -13.60 -1.34 10.03
C LEU B 166 -14.92 -2.02 9.71
N SER B 167 -15.94 -1.79 10.52
CA SER B 167 -17.21 -2.45 10.31
C SER B 167 -17.98 -1.85 9.15
N ASN B 168 -17.71 -0.61 8.78
CA ASN B 168 -18.27 -0.08 7.54
C ASN B 168 -17.44 -0.42 6.32
N LEU B 169 -16.42 -1.23 6.45
CA LEU B 169 -15.63 -1.59 5.30
C LEU B 169 -15.45 -3.07 5.10
N LEU B 170 -15.67 -3.90 6.11
CA LEU B 170 -15.45 -5.32 5.94
C LEU B 170 -16.62 -6.16 6.45
N LEU B 171 -17.61 -5.56 7.02
CA LEU B 171 -18.75 -6.36 7.48
C LEU B 171 -20.08 -5.80 7.01
N VAL B 172 -20.24 -4.48 6.96
CA VAL B 172 -21.38 -3.93 6.24
C VAL B 172 -21.22 -4.19 4.76
N LEU B 173 -20.00 -4.04 4.26
CA LEU B 173 -19.77 -4.13 2.84
C LEU B 173 -19.52 -5.56 2.38
N GLY B 174 -18.81 -6.36 3.17
CA GLY B 174 -18.50 -7.70 2.72
C GLY B 174 -19.67 -8.64 2.80
N THR B 175 -20.62 -8.37 3.68
CA THR B 175 -21.83 -9.16 3.72
C THR B 175 -22.75 -8.81 2.57
N SER B 176 -22.81 -7.54 2.18
CA SER B 176 -23.69 -7.13 1.11
C SER B 176 -23.13 -7.40 -0.28
N LEU B 177 -22.04 -8.15 -0.41
CA LEU B 177 -21.66 -8.75 -1.67
C LEU B 177 -21.81 -10.27 -1.66
N PHE B 178 -21.54 -10.89 -0.52
CA PHE B 178 -21.80 -12.31 -0.35
C PHE B 178 -23.30 -12.59 -0.30
N CYS B 179 -24.01 -11.92 0.60
CA CYS B 179 -25.44 -12.17 0.78
C CYS B 179 -26.30 -11.48 -0.26
N GLY B 180 -25.71 -10.94 -1.32
CA GLY B 180 -26.49 -10.59 -2.47
C GLY B 180 -26.03 -11.39 -3.65
N GLY B 181 -24.74 -11.70 -3.70
CA GLY B 181 -24.16 -12.41 -4.82
C GLY B 181 -24.62 -13.84 -4.95
N ILE B 182 -25.14 -14.42 -3.88
CA ILE B 182 -25.76 -15.74 -3.95
C ILE B 182 -27.16 -15.63 -4.52
N ALA B 183 -27.84 -14.52 -4.27
CA ALA B 183 -29.18 -14.38 -4.81
C ALA B 183 -29.16 -14.10 -6.30
N ASN B 184 -28.27 -13.21 -6.73
CA ASN B 184 -28.19 -12.79 -8.12
C ASN B 184 -27.03 -13.47 -8.84
N ILE B 185 -26.79 -14.75 -8.55
CA ILE B 185 -25.66 -15.45 -9.15
C ILE B 185 -25.90 -15.70 -10.63
N ARG B 186 -27.16 -15.79 -11.05
CA ARG B 186 -27.43 -16.00 -12.46
C ARG B 186 -27.57 -14.69 -13.21
N ARG B 187 -28.07 -13.65 -12.56
CA ARG B 187 -28.05 -12.31 -13.13
C ARG B 187 -26.63 -11.74 -13.02
N GLU B 188 -26.44 -10.54 -13.55
CA GLU B 188 -25.13 -9.91 -13.53
C GLU B 188 -25.22 -8.60 -12.76
N GLN B 189 -24.21 -8.32 -11.95
CA GLN B 189 -24.22 -7.22 -11.00
C GLN B 189 -23.18 -6.19 -11.42
N ARG B 190 -23.58 -4.93 -11.45
CA ARG B 190 -22.69 -3.82 -11.76
C ARG B 190 -23.06 -2.63 -10.89
N PHE B 191 -22.07 -1.79 -10.62
CA PHE B 191 -22.29 -0.59 -9.84
C PHE B 191 -21.57 0.57 -10.50
N ASP B 192 -21.61 1.71 -9.81
CA ASP B 192 -21.03 2.96 -10.29
C ASP B 192 -19.68 3.15 -9.63
N ARG B 193 -18.61 3.19 -10.42
CA ARG B 193 -17.29 3.42 -9.83
C ARG B 193 -17.11 4.85 -9.37
N LYS B 194 -17.62 5.80 -10.14
CA LYS B 194 -17.26 7.19 -9.94
C LYS B 194 -17.89 7.77 -8.69
N GLN B 195 -18.92 7.11 -8.14
CA GLN B 195 -19.43 7.50 -6.85
C GLN B 195 -18.51 7.06 -5.72
N ALA B 196 -17.73 6.00 -5.93
CA ALA B 196 -16.89 5.42 -4.88
C ALA B 196 -15.41 5.55 -5.20
N ASP B 197 -15.00 6.61 -5.89
CA ASP B 197 -13.60 6.98 -5.96
C ASP B 197 -13.29 8.18 -5.11
N VAL B 198 -14.25 9.08 -4.93
CA VAL B 198 -14.06 10.26 -4.11
C VAL B 198 -13.99 9.86 -2.64
N ASN B 199 -14.54 8.71 -2.29
CA ASN B 199 -14.51 8.30 -0.89
C ASN B 199 -13.16 7.74 -0.50
N PHE B 200 -12.46 7.09 -1.41
CA PHE B 200 -11.14 6.57 -1.08
C PHE B 200 -10.05 7.62 -1.16
N PHE B 201 -10.33 8.78 -1.75
CA PHE B 201 -9.37 9.86 -1.68
C PHE B 201 -9.29 10.39 -0.27
N LEU B 202 -10.44 10.52 0.37
CA LEU B 202 -10.52 11.06 1.71
C LEU B 202 -10.02 10.08 2.74
N LEU B 203 -10.24 8.77 2.55
CA LEU B 203 -9.78 7.79 3.51
C LEU B 203 -8.27 7.62 3.49
N LEU B 204 -7.59 8.10 2.45
CA LEU B 204 -6.15 8.21 2.46
C LEU B 204 -5.68 9.57 2.95
N LEU B 205 -6.56 10.56 2.98
CA LEU B 205 -6.26 11.76 3.74
C LEU B 205 -6.48 11.50 5.21
N GLY B 206 -7.31 10.53 5.54
CA GLY B 206 -7.54 10.20 6.92
C GLY B 206 -6.41 9.38 7.47
N PHE B 207 -5.86 8.46 6.67
CA PHE B 207 -4.88 7.52 7.19
C PHE B 207 -3.55 8.19 7.47
N LEU B 208 -3.12 9.08 6.59
CA LEU B 208 -1.84 9.76 6.77
C LEU B 208 -1.83 10.65 8.01
N CYS B 209 -2.98 11.19 8.40
CA CYS B 209 -3.08 11.89 9.67
C CYS B 209 -2.95 10.96 10.87
N HIS B 210 -3.16 9.65 10.68
CA HIS B 210 -2.92 8.66 11.72
C HIS B 210 -1.53 8.08 11.66
N LEU B 211 -0.85 8.20 10.53
CA LEU B 211 0.44 7.51 10.42
C LEU B 211 1.54 8.31 11.08
N LEU B 212 1.56 9.61 10.86
CA LEU B 212 2.64 10.44 11.35
C LEU B 212 2.68 10.62 12.86
N PRO B 213 1.57 10.73 13.62
CA PRO B 213 1.73 10.71 15.08
C PRO B 213 2.12 9.37 15.65
N LEU B 214 1.89 8.28 14.91
CA LEU B 214 2.41 6.99 15.35
C LEU B 214 3.93 6.95 15.27
N LEU B 215 4.50 7.44 14.17
CA LEU B 215 5.92 7.29 13.95
C LEU B 215 6.76 8.28 14.73
N VAL B 216 6.14 9.32 15.31
CA VAL B 216 6.87 10.20 16.20
C VAL B 216 7.22 9.46 17.48
N GLY B 217 6.40 8.48 17.87
CA GLY B 217 6.68 7.70 19.06
C GLY B 217 7.81 6.71 18.92
N TYR B 218 8.36 6.52 17.72
CA TYR B 218 9.48 5.63 17.48
C TYR B 218 10.71 6.42 17.07
N LEU B 219 10.89 7.59 17.65
CA LEU B 219 12.04 8.44 17.42
C LEU B 219 12.85 8.58 18.70
N LYS B 220 13.04 7.47 19.43
CA LYS B 220 13.75 7.50 20.71
C LYS B 220 15.23 7.83 20.55
N ASN B 221 15.77 7.70 19.34
CA ASN B 221 17.13 8.10 19.05
C ASN B 221 17.35 9.62 19.13
N GLY B 222 16.29 10.41 18.98
CA GLY B 222 16.42 11.83 18.70
C GLY B 222 16.95 12.75 19.78
N GLU B 223 17.40 12.19 20.91
CA GLU B 223 17.88 12.92 22.08
C GLU B 223 16.74 13.73 22.70
N ALA B 224 15.55 13.14 22.70
CA ALA B 224 14.37 13.75 23.27
C ALA B 224 13.71 12.76 24.21
N SER B 225 13.15 13.25 25.29
CA SER B 225 12.55 12.38 26.30
C SER B 225 11.17 11.92 25.83
N ALA B 226 10.42 11.27 26.71
CA ALA B 226 9.05 10.93 26.37
C ALA B 226 8.16 12.15 26.38
N ALA B 227 8.29 13.00 27.39
CA ALA B 227 7.43 14.18 27.53
C ALA B 227 7.80 15.31 26.58
N VAL B 228 8.84 15.17 25.77
CA VAL B 228 9.09 16.10 24.69
C VAL B 228 8.39 15.63 23.42
N LEU B 229 8.52 14.34 23.10
CA LEU B 229 7.87 13.81 21.91
C LEU B 229 6.38 13.68 22.11
N SER B 230 5.92 13.45 23.33
CA SER B 230 4.49 13.23 23.52
C SER B 230 3.67 14.51 23.47
N ASP B 231 4.30 15.66 23.41
CA ASP B 231 3.60 16.90 23.09
C ASP B 231 3.93 17.39 21.70
N MET B 232 4.72 16.61 20.96
CA MET B 232 4.86 16.77 19.52
C MET B 232 3.84 15.94 18.79
N GLN B 233 3.34 14.87 19.42
CA GLN B 233 2.18 14.17 18.92
C GLN B 233 0.89 14.91 19.21
N LEU B 234 0.93 15.86 20.12
CA LEU B 234 -0.28 16.57 20.51
C LEU B 234 -0.47 17.80 19.69
N SER B 235 0.61 18.48 19.35
CA SER B 235 0.50 19.74 18.62
C SER B 235 0.22 19.53 17.14
N ILE B 236 0.70 18.43 16.58
CA ILE B 236 0.46 18.15 15.17
C ILE B 236 -0.83 17.37 14.95
N SER B 237 -1.44 16.84 16.01
CA SER B 237 -2.74 16.20 15.88
C SER B 237 -3.87 17.19 16.06
N ARG B 238 -3.66 18.22 16.87
CA ARG B 238 -4.56 19.35 16.99
C ARG B 238 -4.46 20.30 15.81
N GLY B 239 -3.61 20.02 14.84
CA GLY B 239 -3.46 20.88 13.68
C GLY B 239 -3.80 20.14 12.42
N PHE B 240 -3.69 18.82 12.43
CA PHE B 240 -4.21 18.04 11.32
C PHE B 240 -5.73 18.04 11.32
N SER B 241 -6.36 18.34 12.44
CA SER B 241 -7.80 18.25 12.56
C SER B 241 -8.55 19.36 11.87
N ILE B 242 -7.92 20.51 11.63
CA ILE B 242 -8.59 21.49 10.79
C ILE B 242 -8.47 21.09 9.33
N VAL B 243 -7.32 20.56 8.92
CA VAL B 243 -7.13 20.12 7.55
C VAL B 243 -7.97 18.88 7.24
N MET B 244 -8.37 18.11 8.25
CA MET B 244 -9.35 17.07 7.99
C MET B 244 -10.77 17.63 7.87
N LEU B 245 -11.09 18.71 8.59
CA LEU B 245 -12.43 19.24 8.45
C LEU B 245 -12.64 20.01 7.15
N ILE B 246 -11.60 20.59 6.58
CA ILE B 246 -11.80 21.36 5.37
C ILE B 246 -11.96 20.43 4.19
N SER B 247 -11.42 19.22 4.27
CA SER B 247 -11.67 18.22 3.24
C SER B 247 -12.83 17.31 3.57
N TYR B 248 -13.78 17.80 4.32
CA TYR B 248 -15.10 17.20 4.39
C TYR B 248 -16.18 18.23 4.12
N ILE B 249 -16.00 19.47 4.56
CA ILE B 249 -16.89 20.55 4.18
C ILE B 249 -16.77 20.83 2.68
N ALA B 250 -15.62 20.56 2.09
CA ALA B 250 -15.55 20.57 0.64
C ALA B 250 -16.29 19.38 0.04
N TYR B 251 -16.30 18.23 0.73
CA TYR B 251 -16.95 17.05 0.18
C TYR B 251 -18.45 17.15 0.20
N LEU B 252 -19.01 17.97 1.09
CA LEU B 252 -20.43 18.23 1.01
C LEU B 252 -20.77 19.12 -0.18
N VAL B 253 -19.94 20.12 -0.46
CA VAL B 253 -20.24 21.07 -1.53
C VAL B 253 -20.14 20.37 -2.87
N PHE B 254 -19.16 19.49 -3.03
CA PHE B 254 -19.02 18.68 -4.22
C PHE B 254 -20.24 17.79 -4.45
N GLN B 255 -20.79 17.25 -3.39
CA GLN B 255 -21.91 16.33 -3.50
C GLN B 255 -23.24 17.04 -3.53
N LEU B 256 -23.46 18.01 -2.66
CA LEU B 256 -24.78 18.62 -2.60
C LEU B 256 -24.93 19.81 -3.53
N TRP B 257 -23.88 20.29 -4.15
CA TRP B 257 -24.16 21.38 -5.06
C TRP B 257 -23.50 21.27 -6.43
N THR B 258 -22.26 20.80 -6.51
CA THR B 258 -21.59 20.87 -7.80
C THR B 258 -21.99 19.72 -8.71
N HIS B 259 -21.86 18.48 -8.25
CA HIS B 259 -22.19 17.33 -9.09
C HIS B 259 -23.40 16.63 -8.51
N ARG B 260 -24.58 17.19 -8.79
CA ARG B 260 -25.85 16.48 -8.66
C ARG B 260 -26.33 16.02 -10.02
N GLN B 261 -25.46 15.29 -10.71
CA GLN B 261 -25.85 14.60 -11.93
C GLN B 261 -26.07 13.13 -11.68
N LEU B 262 -25.21 12.54 -10.85
CA LEU B 262 -25.22 11.12 -10.55
C LEU B 262 -25.00 10.80 -9.07
N PHE B 263 -24.58 11.76 -8.26
CA PHE B 263 -23.91 11.49 -7.00
C PHE B 263 -24.80 11.89 -5.84
N VAL B 282 -47.58 9.73 4.72
CA VAL B 282 -47.14 8.60 5.52
C VAL B 282 -47.17 8.99 6.99
N ILE B 283 -46.19 9.79 7.42
CA ILE B 283 -46.13 10.32 8.78
C ILE B 283 -46.07 11.83 8.67
N SER B 284 -46.94 12.52 9.40
CA SER B 284 -46.97 13.96 9.34
C SER B 284 -45.75 14.56 10.05
N PHE B 285 -45.36 15.75 9.62
CA PHE B 285 -44.08 16.33 10.03
C PHE B 285 -44.11 16.88 11.44
N TRP B 286 -45.26 17.37 11.91
CA TRP B 286 -45.35 17.86 13.28
C TRP B 286 -45.20 16.74 14.29
N SER B 287 -45.58 15.52 13.91
CA SER B 287 -45.23 14.34 14.67
C SER B 287 -43.87 13.79 14.26
N GLY B 288 -43.40 14.11 13.07
CA GLY B 288 -42.17 13.51 12.58
C GLY B 288 -40.94 14.04 13.28
N PHE B 289 -40.96 15.32 13.64
CA PHE B 289 -39.89 15.86 14.44
C PHE B 289 -39.94 15.33 15.86
N ALA B 290 -41.09 14.86 16.32
CA ALA B 290 -41.25 14.48 17.72
C ALA B 290 -40.47 13.21 18.04
N TRP B 291 -40.51 12.22 17.16
CA TRP B 291 -39.74 11.00 17.40
C TRP B 291 -38.33 11.08 16.81
N LEU B 292 -37.77 12.28 16.71
CA LEU B 292 -36.33 12.46 16.70
C LEU B 292 -35.93 13.38 17.85
N VAL B 293 -36.89 13.76 18.70
CA VAL B 293 -36.58 14.44 19.95
C VAL B 293 -36.36 13.40 21.03
N GLY B 294 -37.38 12.58 21.28
CA GLY B 294 -37.29 11.63 22.37
C GLY B 294 -36.31 10.51 22.10
N MET B 295 -36.32 9.97 20.88
CA MET B 295 -35.49 8.81 20.59
C MET B 295 -34.08 9.20 20.21
N THR B 296 -33.64 10.39 20.60
CA THR B 296 -32.21 10.61 20.82
C THR B 296 -31.94 10.77 22.31
N LEU B 297 -32.92 11.24 23.07
CA LEU B 297 -32.75 11.43 24.51
C LEU B 297 -32.56 10.11 25.22
N VAL B 298 -33.20 9.04 24.74
CA VAL B 298 -32.94 7.75 25.36
C VAL B 298 -31.55 7.26 24.97
N ILE B 299 -31.07 7.62 23.77
CA ILE B 299 -29.69 7.36 23.39
C ILE B 299 -28.72 8.26 24.14
N ALA B 300 -29.20 9.38 24.70
CA ALA B 300 -28.34 10.12 25.62
C ALA B 300 -28.30 9.46 26.99
N LEU B 301 -29.28 8.64 27.31
CA LEU B 301 -29.32 8.00 28.61
C LEU B 301 -28.61 6.66 28.55
N LEU B 302 -28.90 5.86 27.53
CA LEU B 302 -28.28 4.55 27.39
C LEU B 302 -26.90 4.61 26.76
N SER B 303 -26.32 5.80 26.66
CA SER B 303 -24.89 5.85 26.39
C SER B 303 -24.10 6.17 27.63
N GLU B 304 -24.69 6.86 28.61
CA GLU B 304 -24.03 7.01 29.89
C GLU B 304 -23.89 5.67 30.60
N TYR B 305 -24.85 4.78 30.41
CA TYR B 305 -24.76 3.52 31.11
C TYR B 305 -23.77 2.57 30.47
N VAL B 306 -23.49 2.73 29.17
CA VAL B 306 -22.47 1.90 28.55
C VAL B 306 -21.09 2.38 28.94
N VAL B 307 -20.87 3.68 28.92
CA VAL B 307 -19.53 4.21 29.10
C VAL B 307 -19.09 4.11 30.55
N ALA B 308 -19.96 4.46 31.48
CA ALA B 308 -19.54 4.53 32.88
C ALA B 308 -19.32 3.17 33.51
N THR B 309 -19.75 2.08 32.88
CA THR B 309 -19.62 0.75 33.46
C THR B 309 -19.10 -0.23 32.42
N ILE B 310 -18.01 0.10 31.73
CA ILE B 310 -17.43 -0.87 30.81
C ILE B 310 -16.21 -1.58 31.42
N GLU B 311 -15.61 -1.03 32.48
CA GLU B 311 -14.52 -1.75 33.13
C GLU B 311 -15.04 -2.94 33.90
N GLU B 312 -16.01 -2.71 34.76
CA GLU B 312 -16.49 -3.73 35.67
C GLU B 312 -17.30 -4.80 34.95
N ALA B 313 -17.72 -4.57 33.72
CA ALA B 313 -18.37 -5.59 32.91
C ALA B 313 -17.46 -6.16 31.85
N SER B 314 -16.15 -5.96 31.98
CA SER B 314 -15.18 -6.71 31.21
C SER B 314 -14.34 -7.64 32.08
N ASP B 315 -14.21 -7.36 33.38
CA ASP B 315 -13.64 -8.34 34.29
C ASP B 315 -14.55 -9.55 34.45
N LYS B 316 -15.86 -9.31 34.52
CA LYS B 316 -16.80 -10.37 34.78
C LYS B 316 -17.06 -11.26 33.57
N TRP B 317 -16.49 -10.93 32.41
CA TRP B 317 -16.56 -11.80 31.25
C TRP B 317 -15.21 -12.24 30.74
N ASN B 318 -14.12 -11.64 31.24
CA ASN B 318 -12.74 -11.89 30.81
C ASN B 318 -12.59 -11.68 29.31
N LEU B 319 -13.32 -10.71 28.79
CA LEU B 319 -13.10 -10.15 27.47
C LEU B 319 -12.22 -8.93 27.64
N SER B 320 -11.39 -8.66 26.65
CA SER B 320 -10.55 -7.48 26.74
C SER B 320 -11.33 -6.23 26.37
N VAL B 321 -10.98 -5.11 26.98
CA VAL B 321 -11.67 -3.84 26.68
C VAL B 321 -11.27 -3.34 25.30
N SER B 322 -10.18 -3.84 24.73
CA SER B 322 -9.91 -3.62 23.32
C SER B 322 -10.60 -4.64 22.43
N PHE B 323 -11.57 -5.38 22.95
CA PHE B 323 -12.48 -6.18 22.15
C PHE B 323 -13.91 -5.75 22.30
N ILE B 324 -14.31 -5.28 23.48
CA ILE B 324 -15.66 -4.77 23.62
C ILE B 324 -15.80 -3.44 22.90
N SER B 325 -14.79 -2.58 23.00
CA SER B 325 -14.87 -1.27 22.40
C SER B 325 -14.66 -1.26 20.90
N ILE B 326 -14.14 -2.33 20.33
CA ILE B 326 -13.85 -2.35 18.90
C ILE B 326 -14.69 -3.37 18.14
N ILE B 327 -15.32 -4.34 18.81
CA ILE B 327 -16.14 -5.29 18.06
C ILE B 327 -17.58 -5.26 18.53
N LEU B 328 -17.82 -5.55 19.80
CA LEU B 328 -19.20 -5.72 20.26
C LEU B 328 -19.97 -4.40 20.26
N LEU B 329 -19.31 -3.32 20.54
CA LEU B 329 -19.98 -2.03 20.56
C LEU B 329 -20.24 -1.49 19.15
N PRO B 330 -19.35 -1.73 18.06
CA PRO B 330 -19.78 -1.45 16.69
C PRO B 330 -20.66 -2.51 16.03
N ILE B 331 -21.69 -2.94 16.75
CA ILE B 331 -22.77 -3.71 16.17
C ILE B 331 -24.01 -2.88 16.44
N VAL B 332 -23.96 -2.11 17.53
CA VAL B 332 -25.02 -1.17 17.82
C VAL B 332 -24.97 -0.01 16.83
N GLY B 333 -23.80 0.59 16.65
CA GLY B 333 -23.68 1.81 15.85
C GLY B 333 -23.83 1.60 14.37
N ASN B 334 -23.83 0.36 13.91
CA ASN B 334 -24.04 0.00 12.52
C ASN B 334 -25.14 -1.04 12.41
N ALA B 335 -26.21 -0.86 13.16
CA ALA B 335 -27.34 -1.76 13.10
C ALA B 335 -28.42 -1.29 12.15
N ALA B 336 -28.34 -0.05 11.69
CA ALA B 336 -29.20 0.44 10.63
C ALA B 336 -28.51 0.49 9.29
N GLU B 337 -27.19 0.70 9.30
CA GLU B 337 -26.41 0.68 8.09
C GLU B 337 -26.17 -0.73 7.57
N HIS B 338 -26.65 -1.76 8.28
CA HIS B 338 -26.40 -3.13 7.92
C HIS B 338 -27.63 -3.77 7.32
N ALA B 339 -28.76 -3.71 8.00
CA ALA B 339 -30.03 -4.18 7.45
C ALA B 339 -30.70 -3.12 6.59
N GLY B 340 -30.04 -2.01 6.32
CA GLY B 340 -30.52 -1.06 5.33
C GLY B 340 -29.64 -1.11 4.11
N ALA B 341 -28.66 -2.00 4.13
CA ALA B 341 -27.81 -2.27 2.97
C ALA B 341 -28.02 -3.66 2.40
N VAL B 342 -28.43 -4.63 3.23
CA VAL B 342 -28.83 -5.93 2.71
C VAL B 342 -30.27 -5.89 2.21
N ILE B 343 -30.98 -4.78 2.41
CA ILE B 343 -32.18 -4.56 1.60
C ILE B 343 -31.80 -4.39 0.14
N PHE B 344 -30.85 -3.49 -0.14
CA PHE B 344 -30.57 -3.13 -1.52
C PHE B 344 -29.58 -4.04 -2.20
N ALA B 345 -28.96 -4.98 -1.49
CA ALA B 345 -28.09 -5.88 -2.20
C ALA B 345 -28.88 -6.95 -2.94
N PHE B 346 -30.09 -7.26 -2.48
CA PHE B 346 -30.93 -8.25 -3.16
C PHE B 346 -31.61 -7.72 -4.40
N LYS B 347 -31.68 -6.40 -4.56
CA LYS B 347 -32.37 -5.82 -5.70
C LYS B 347 -31.44 -5.55 -6.86
N ASN B 348 -30.23 -6.08 -6.82
CA ASN B 348 -29.13 -5.79 -7.75
C ASN B 348 -28.90 -4.29 -7.86
N LYS B 349 -29.03 -3.60 -6.74
CA LYS B 349 -28.74 -2.18 -6.67
C LYS B 349 -27.58 -2.04 -5.71
N LEU B 350 -26.39 -2.25 -6.21
CA LEU B 350 -25.23 -2.10 -5.36
C LEU B 350 -24.74 -0.67 -5.30
N ASP B 351 -25.36 0.24 -6.05
CA ASP B 351 -24.99 1.64 -5.93
C ASP B 351 -25.39 2.21 -4.58
N ILE B 352 -26.45 1.67 -3.98
CA ILE B 352 -26.90 2.19 -2.71
C ILE B 352 -26.17 1.52 -1.56
N SER B 353 -25.89 0.22 -1.66
CA SER B 353 -25.03 -0.46 -0.68
C SER B 353 -23.55 -0.20 -0.87
N LEU B 354 -23.18 0.77 -1.70
CA LEU B 354 -21.89 1.42 -1.63
C LEU B 354 -21.99 2.87 -1.25
N GLY B 355 -23.21 3.39 -1.11
CA GLY B 355 -23.38 4.75 -0.66
C GLY B 355 -23.71 4.73 0.80
N VAL B 356 -24.00 3.55 1.32
CA VAL B 356 -24.19 3.34 2.73
C VAL B 356 -22.90 2.86 3.40
N ALA B 357 -22.21 1.91 2.77
CA ALA B 357 -21.02 1.35 3.39
C ALA B 357 -19.85 2.32 3.34
N LEU B 358 -19.64 2.97 2.20
CA LEU B 358 -18.52 3.91 2.08
C LEU B 358 -18.88 5.30 2.56
N GLY B 359 -20.08 5.78 2.26
CA GLY B 359 -20.45 7.12 2.64
C GLY B 359 -20.70 7.31 4.11
N SER B 360 -20.73 6.24 4.88
CA SER B 360 -20.76 6.35 6.33
C SER B 360 -19.38 6.25 6.94
N ALA B 361 -18.47 5.52 6.31
CA ALA B 361 -17.12 5.39 6.85
C ALA B 361 -16.32 6.66 6.68
N THR B 362 -16.67 7.51 5.71
CA THR B 362 -15.96 8.77 5.52
C THR B 362 -16.24 9.74 6.66
N GLN B 363 -17.48 9.82 7.11
CA GLN B 363 -17.78 10.73 8.22
C GLN B 363 -17.18 10.24 9.52
N ILE B 364 -17.13 8.92 9.74
CA ILE B 364 -16.40 8.39 10.88
C ILE B 364 -14.91 8.54 10.68
N GLY B 365 -14.47 8.68 9.43
CA GLY B 365 -13.08 9.02 9.21
C GLY B 365 -12.77 10.48 9.41
N LEU B 366 -13.58 11.37 8.83
CA LEU B 366 -13.18 12.75 8.65
C LEU B 366 -14.13 13.77 9.25
N PHE B 367 -15.12 13.36 9.97
CA PHE B 367 -15.84 14.38 10.73
C PHE B 367 -16.02 14.00 12.18
N VAL B 368 -16.23 12.73 12.49
CA VAL B 368 -16.46 12.39 13.88
C VAL B 368 -15.13 12.30 14.60
N VAL B 369 -14.07 11.87 13.93
CA VAL B 369 -12.75 11.88 14.54
C VAL B 369 -12.21 13.29 14.68
N PRO B 370 -12.07 14.15 13.62
CA PRO B 370 -11.44 15.45 13.86
C PRO B 370 -12.38 16.49 14.42
N LEU B 371 -13.51 16.08 14.97
CA LEU B 371 -14.22 16.96 15.86
C LEU B 371 -13.91 16.65 17.31
N THR B 372 -13.64 15.38 17.62
CA THR B 372 -13.28 14.98 18.97
C THR B 372 -11.89 15.49 19.35
N ILE B 373 -11.00 15.67 18.37
CA ILE B 373 -9.69 16.23 18.68
C ILE B 373 -9.82 17.71 18.99
N ILE B 374 -10.76 18.40 18.33
CA ILE B 374 -11.01 19.79 18.63
C ILE B 374 -11.75 19.93 19.94
N VAL B 375 -12.73 19.06 20.21
CA VAL B 375 -13.55 19.18 21.41
C VAL B 375 -12.72 18.95 22.65
N ALA B 376 -11.76 18.03 22.60
CA ALA B 376 -10.83 17.85 23.70
C ALA B 376 -10.00 19.10 23.91
N TRP B 377 -9.45 19.62 22.82
CA TRP B 377 -8.54 20.76 22.90
C TRP B 377 -9.27 22.04 23.29
N ILE B 378 -10.55 22.15 22.99
CA ILE B 378 -11.30 23.27 23.56
C ILE B 378 -11.52 23.04 25.06
N LEU B 379 -11.76 21.79 25.47
CA LEU B 379 -11.88 21.54 26.90
C LEU B 379 -10.53 21.54 27.59
N GLY B 380 -9.48 21.09 26.92
CA GLY B 380 -8.17 21.05 27.55
C GLY B 380 -7.81 19.67 28.06
N ILE B 381 -8.05 18.65 27.24
CA ILE B 381 -7.80 17.26 27.60
C ILE B 381 -6.82 16.70 26.59
N ASN B 382 -5.77 16.04 27.09
CA ASN B 382 -4.70 15.51 26.23
C ASN B 382 -5.26 14.38 25.39
N MET B 383 -5.48 14.65 24.10
CA MET B 383 -5.85 13.60 23.18
C MET B 383 -5.27 13.90 21.81
N ASP B 384 -4.54 12.93 21.28
CA ASP B 384 -3.95 12.96 19.96
C ASP B 384 -4.64 11.93 19.07
N LEU B 385 -4.11 11.77 17.87
CA LEU B 385 -4.62 10.78 16.93
C LEU B 385 -3.83 9.48 16.98
N ASN B 386 -3.05 9.24 18.02
CA ASN B 386 -2.27 8.02 18.12
C ASN B 386 -3.21 6.88 18.50
N PHE B 387 -3.36 5.91 17.61
CA PHE B 387 -4.16 4.74 17.93
C PHE B 387 -3.33 3.51 18.26
N GLY B 388 -2.04 3.51 17.96
CA GLY B 388 -1.17 2.41 18.30
C GLY B 388 -0.58 1.78 17.06
N PRO B 389 0.33 0.85 17.25
CA PRO B 389 0.96 0.20 16.08
C PRO B 389 0.14 -0.96 15.55
N LEU B 390 -0.66 -1.57 16.43
CA LEU B 390 -1.40 -2.75 16.02
C LEU B 390 -2.69 -2.39 15.33
N GLU B 391 -3.31 -1.28 15.73
CA GLU B 391 -4.56 -0.81 15.15
C GLU B 391 -4.36 -0.19 13.79
N THR B 392 -3.16 0.30 13.49
CA THR B 392 -2.93 1.02 12.25
C THR B 392 -2.78 0.08 11.07
N GLY B 393 -2.13 -1.08 11.27
CA GLY B 393 -2.01 -2.04 10.19
C GLY B 393 -3.34 -2.63 9.75
N CYS B 394 -4.28 -2.76 10.68
CA CYS B 394 -5.63 -3.22 10.33
C CYS B 394 -6.38 -2.16 9.54
N LEU B 395 -6.24 -0.90 9.92
CA LEU B 395 -6.83 0.19 9.15
C LEU B 395 -6.11 0.42 7.83
N ALA B 396 -4.85 0.02 7.71
CA ALA B 396 -4.14 0.24 6.47
C ALA B 396 -4.49 -0.80 5.42
N VAL B 397 -4.67 -2.05 5.85
CA VAL B 397 -4.98 -3.09 4.88
C VAL B 397 -6.41 -2.99 4.42
N SER B 398 -7.31 -2.54 5.31
CA SER B 398 -8.73 -2.46 4.99
C SER B 398 -9.01 -1.46 3.87
N ILE B 399 -8.19 -0.43 3.73
CA ILE B 399 -8.38 0.51 2.65
C ILE B 399 -7.79 -0.02 1.35
N ILE B 400 -6.74 -0.83 1.43
CA ILE B 400 -6.12 -1.34 0.22
C ILE B 400 -6.88 -2.53 -0.35
N ILE B 401 -7.37 -3.42 0.51
CA ILE B 401 -8.16 -4.55 0.01
C ILE B 401 -9.51 -4.08 -0.52
N THR B 402 -10.03 -2.96 0.00
CA THR B 402 -11.33 -2.51 -0.49
C THR B 402 -11.19 -1.86 -1.85
N ALA B 403 -10.01 -1.31 -2.15
CA ALA B 403 -9.84 -0.63 -3.42
C ALA B 403 -9.72 -1.61 -4.56
N PHE B 404 -9.00 -2.72 -4.34
CA PHE B 404 -8.89 -3.70 -5.41
C PHE B 404 -10.16 -4.51 -5.59
N THR B 405 -11.05 -4.51 -4.61
CA THR B 405 -12.32 -5.20 -4.76
C THR B 405 -13.26 -4.42 -5.67
N LEU B 406 -13.14 -3.10 -5.70
CA LEU B 406 -14.10 -2.25 -6.38
C LEU B 406 -13.59 -1.67 -7.69
N GLN B 407 -12.44 -2.12 -8.18
CA GLN B 407 -11.81 -1.37 -9.26
C GLN B 407 -12.26 -1.79 -10.64
N ASP B 408 -13.37 -2.52 -10.76
CA ASP B 408 -13.88 -2.79 -12.10
C ASP B 408 -15.37 -2.64 -12.26
N GLY B 409 -16.16 -2.58 -11.19
CA GLY B 409 -17.58 -2.38 -11.36
C GLY B 409 -18.36 -3.62 -11.71
N SER B 410 -17.93 -4.79 -11.26
CA SER B 410 -18.69 -6.01 -11.45
C SER B 410 -18.42 -6.90 -10.26
N SER B 411 -19.48 -7.40 -9.64
CA SER B 411 -19.36 -8.10 -8.38
C SER B 411 -19.91 -9.50 -8.47
N HIS B 412 -19.18 -10.44 -7.88
CA HIS B 412 -19.67 -11.77 -7.58
C HIS B 412 -19.43 -11.99 -6.10
N TYR B 413 -19.78 -13.17 -5.61
CA TYR B 413 -19.80 -13.37 -4.17
C TYR B 413 -18.41 -13.58 -3.58
N MET B 414 -17.47 -14.07 -4.36
CA MET B 414 -16.13 -14.33 -3.84
C MET B 414 -15.39 -13.05 -3.51
N LYS B 415 -15.84 -11.92 -4.06
CA LYS B 415 -15.33 -10.64 -3.59
C LYS B 415 -15.82 -10.32 -2.19
N GLY B 416 -16.88 -10.96 -1.73
CA GLY B 416 -17.45 -10.62 -0.45
C GLY B 416 -17.05 -11.55 0.66
N LEU B 417 -16.85 -12.82 0.35
CA LEU B 417 -16.38 -13.77 1.35
C LEU B 417 -14.93 -13.47 1.76
N VAL B 418 -14.13 -12.90 0.86
CA VAL B 418 -12.79 -12.47 1.24
C VAL B 418 -12.85 -11.27 2.19
N LEU B 419 -13.84 -10.40 2.04
CA LEU B 419 -13.94 -9.30 2.99
C LEU B 419 -14.49 -9.77 4.32
N LEU B 420 -15.26 -10.85 4.37
CA LEU B 420 -15.71 -11.33 5.68
C LEU B 420 -14.56 -11.93 6.45
N LEU B 421 -13.81 -12.84 5.83
CA LEU B 421 -12.76 -13.53 6.54
C LEU B 421 -11.59 -12.63 6.87
N CYS B 422 -11.43 -11.50 6.17
CA CYS B 422 -10.49 -10.49 6.61
C CYS B 422 -11.05 -9.59 7.70
N TYR B 423 -12.29 -9.81 8.13
CA TYR B 423 -12.75 -9.18 9.35
C TYR B 423 -12.64 -10.13 10.53
N PHE B 424 -12.70 -11.44 10.31
CA PHE B 424 -12.51 -12.34 11.42
C PHE B 424 -11.05 -12.42 11.83
N ILE B 425 -10.12 -11.98 10.98
CA ILE B 425 -8.74 -11.88 11.41
C ILE B 425 -8.57 -10.76 12.41
N ILE B 426 -9.30 -9.66 12.23
CA ILE B 426 -9.26 -8.57 13.18
C ILE B 426 -9.97 -8.97 14.46
N ALA B 427 -10.91 -9.90 14.40
CA ALA B 427 -11.57 -10.35 15.62
C ALA B 427 -10.66 -11.24 16.46
N ILE B 428 -9.88 -12.09 15.80
CA ILE B 428 -9.05 -13.05 16.51
C ILE B 428 -7.88 -12.35 17.20
N CYS B 429 -7.26 -11.38 16.53
CA CYS B 429 -6.12 -10.67 17.09
C CYS B 429 -6.49 -9.83 18.29
N PHE B 430 -7.74 -9.37 18.36
CA PHE B 430 -8.22 -8.59 19.48
C PHE B 430 -9.03 -9.40 20.47
N PHE B 431 -9.32 -10.67 20.19
CA PHE B 431 -9.89 -11.51 21.23
C PHE B 431 -8.82 -12.04 22.16
N VAL B 432 -7.63 -12.31 21.64
CA VAL B 432 -6.57 -12.91 22.43
C VAL B 432 -5.91 -11.87 23.30
N ASP B 433 -5.84 -10.63 22.82
CA ASP B 433 -4.92 -9.62 23.33
C ASP B 433 -5.41 -9.17 24.70
N LYS B 434 -5.11 -9.98 25.72
CA LYS B 434 -5.45 -9.69 27.11
C LYS B 434 -4.23 -8.99 27.67
N LEU B 435 -4.20 -7.67 27.52
CA LEU B 435 -3.00 -6.92 27.81
C LEU B 435 -3.42 -5.51 28.20
N PRO B 436 -2.91 -4.97 29.32
CA PRO B 436 -3.25 -3.62 29.77
C PRO B 436 -2.58 -2.51 28.96
N GLY C 58 10.43 -59.33 -25.42
CA GLY C 58 9.75 -59.62 -24.17
C GLY C 58 8.68 -58.60 -23.83
N LEU C 59 8.98 -57.73 -22.86
CA LEU C 59 8.05 -56.69 -22.45
C LEU C 59 8.11 -55.56 -23.47
N LYS C 60 7.03 -55.39 -24.25
CA LYS C 60 7.00 -54.38 -25.29
C LYS C 60 6.41 -53.05 -24.80
N ASP C 61 5.71 -53.06 -23.67
CA ASP C 61 5.22 -51.85 -23.04
C ASP C 61 6.31 -51.03 -22.35
N PHE C 62 7.58 -51.45 -22.43
CA PHE C 62 8.64 -50.84 -21.66
C PHE C 62 9.75 -50.21 -22.49
N LEU C 63 9.87 -50.58 -23.78
CA LEU C 63 11.03 -50.21 -24.56
C LEU C 63 11.02 -48.73 -24.92
N SER C 64 10.03 -48.30 -25.68
CA SER C 64 9.95 -46.90 -26.09
C SER C 64 9.12 -46.05 -25.17
N ASN C 65 8.28 -46.66 -24.32
CA ASN C 65 7.54 -45.88 -23.34
C ASN C 65 8.50 -45.26 -22.33
N LEU C 66 9.56 -45.97 -21.98
CA LEU C 66 10.60 -45.39 -21.14
C LEU C 66 11.30 -44.26 -21.85
N GLN C 67 11.45 -44.35 -23.18
CA GLN C 67 11.92 -43.21 -23.96
C GLN C 67 10.88 -42.10 -23.97
N GLU C 68 9.59 -42.46 -23.88
CA GLU C 68 8.54 -41.45 -23.90
C GLU C 68 8.47 -40.71 -22.57
N VAL C 69 8.64 -41.41 -21.45
CA VAL C 69 8.47 -40.77 -20.15
C VAL C 69 9.70 -39.98 -19.76
N ILE C 70 10.84 -40.66 -19.64
CA ILE C 70 12.01 -40.09 -19.00
C ILE C 70 12.72 -39.11 -19.93
N LEU C 71 13.21 -39.60 -21.06
CA LEU C 71 14.21 -38.86 -21.80
C LEU C 71 13.63 -37.70 -22.61
N GLY C 72 12.32 -37.63 -22.75
CA GLY C 72 11.71 -36.56 -23.53
C GLY C 72 11.63 -35.24 -22.79
N THR C 73 12.78 -34.63 -22.54
CA THR C 73 12.82 -33.35 -21.85
C THR C 73 14.13 -32.65 -22.19
N LYS C 74 14.14 -31.33 -22.00
CA LYS C 74 15.29 -30.49 -22.37
C LYS C 74 16.43 -30.57 -21.37
N LEU C 75 16.30 -31.37 -20.31
CA LEU C 75 17.29 -31.39 -19.25
C LEU C 75 17.80 -32.81 -19.07
N ALA C 76 18.18 -33.44 -20.19
CA ALA C 76 18.67 -34.81 -20.18
C ALA C 76 19.98 -34.98 -19.42
N ILE C 77 20.79 -33.93 -19.31
CA ILE C 77 22.12 -34.05 -18.74
C ILE C 77 22.12 -33.91 -17.22
N LEU C 78 21.03 -33.41 -16.63
CA LEU C 78 20.96 -33.32 -15.18
C LEU C 78 20.52 -34.62 -14.52
N PHE C 79 20.16 -35.63 -15.29
CA PHE C 79 19.72 -36.89 -14.68
C PHE C 79 20.85 -37.63 -13.97
N PRO C 80 22.00 -37.99 -14.62
CA PRO C 80 22.91 -38.94 -13.95
C PRO C 80 23.71 -38.35 -12.80
N ALA C 81 23.39 -37.13 -12.38
CA ALA C 81 23.83 -36.63 -11.09
C ALA C 81 22.92 -37.06 -9.94
N ILE C 82 21.82 -37.76 -10.22
CA ILE C 82 20.99 -38.30 -9.14
C ILE C 82 21.66 -39.47 -8.40
N PRO C 83 22.11 -40.58 -9.02
CA PRO C 83 22.53 -41.72 -8.20
C PRO C 83 23.83 -41.50 -7.47
N ALA C 84 24.63 -40.51 -7.88
CA ALA C 84 25.85 -40.16 -7.17
C ALA C 84 25.52 -39.58 -5.79
N ALA C 85 24.44 -38.80 -5.69
CA ALA C 85 23.97 -38.31 -4.41
C ALA C 85 23.50 -39.42 -3.50
N ILE C 86 23.12 -40.57 -4.05
CA ILE C 86 23.04 -41.76 -3.23
C ILE C 86 24.42 -42.34 -3.00
N ILE C 87 25.25 -42.39 -4.04
CA ILE C 87 26.52 -43.11 -3.96
C ILE C 87 27.52 -42.36 -3.08
N CYS C 88 27.57 -41.03 -3.18
CA CYS C 88 28.42 -40.28 -2.26
C CYS C 88 27.93 -40.36 -0.82
N THR C 89 26.61 -40.40 -0.63
CA THR C 89 26.08 -40.60 0.72
C THR C 89 26.25 -42.04 1.16
N TYR C 90 26.22 -42.99 0.21
CA TYR C 90 26.53 -44.37 0.57
C TYR C 90 28.02 -44.55 0.87
N CYS C 91 28.87 -43.69 0.30
CA CYS C 91 30.29 -43.73 0.62
C CYS C 91 30.64 -42.82 1.78
N GLY C 92 30.31 -41.54 1.68
CA GLY C 92 30.66 -40.62 2.74
C GLY C 92 31.50 -39.43 2.30
N VAL C 93 31.33 -39.02 1.03
CA VAL C 93 31.95 -37.80 0.54
C VAL C 93 31.37 -36.61 1.30
N SER C 94 32.20 -35.57 1.51
CA SER C 94 31.91 -34.47 2.43
C SER C 94 30.64 -33.71 2.01
N GLN C 95 29.99 -33.16 3.01
CA GLN C 95 28.62 -32.68 2.92
C GLN C 95 28.28 -31.56 1.92
N PRO C 96 29.17 -30.62 1.56
CA PRO C 96 28.80 -29.72 0.45
C PRO C 96 28.73 -30.40 -0.90
N TRP C 97 29.41 -31.53 -1.09
CA TRP C 97 29.28 -32.25 -2.35
C TRP C 97 27.96 -33.01 -2.46
N ILE C 98 27.31 -33.32 -1.34
CA ILE C 98 25.94 -33.83 -1.40
C ILE C 98 24.98 -32.70 -1.75
N PHE C 99 25.19 -31.53 -1.15
CA PHE C 99 24.31 -30.39 -1.38
C PHE C 99 24.43 -29.85 -2.79
N GLY C 100 25.58 -30.00 -3.42
CA GLY C 100 25.71 -29.55 -4.80
C GLY C 100 24.99 -30.44 -5.78
N LEU C 101 24.85 -31.73 -5.45
CA LEU C 101 24.17 -32.66 -6.33
C LEU C 101 22.68 -32.72 -6.08
N SER C 102 22.24 -32.55 -4.83
CA SER C 102 20.83 -32.65 -4.52
C SER C 102 20.04 -31.40 -4.86
N LEU C 103 20.69 -30.34 -5.34
CA LEU C 103 19.96 -29.32 -6.07
C LEU C 103 20.10 -29.46 -7.58
N LEU C 104 20.91 -30.40 -8.04
CA LEU C 104 20.93 -30.77 -9.45
C LEU C 104 20.19 -32.06 -9.71
N GLY C 105 19.93 -32.84 -8.68
CA GLY C 105 19.14 -34.03 -8.87
C GLY C 105 17.66 -33.81 -8.78
N LEU C 106 17.23 -32.59 -8.47
CA LEU C 106 15.81 -32.29 -8.35
C LEU C 106 15.35 -31.24 -9.35
N THR C 107 16.16 -30.89 -10.33
CA THR C 107 15.62 -30.06 -11.40
C THR C 107 14.86 -30.93 -12.41
N PRO C 108 15.39 -32.07 -12.95
CA PRO C 108 14.52 -32.84 -13.85
C PRO C 108 13.59 -33.79 -13.13
N LEU C 109 13.37 -33.62 -11.83
CA LEU C 109 12.30 -34.33 -11.15
C LEU C 109 11.20 -33.43 -10.65
N ALA C 110 11.47 -32.15 -10.45
CA ALA C 110 10.42 -31.16 -10.33
C ALA C 110 10.09 -30.55 -11.68
N GLU C 111 10.40 -31.26 -12.76
CA GLU C 111 9.92 -30.99 -14.11
C GLU C 111 9.26 -32.21 -14.75
N ARG C 112 9.80 -33.40 -14.53
CA ARG C 112 9.21 -34.64 -15.02
C ARG C 112 8.14 -35.17 -14.12
N VAL C 113 7.67 -34.36 -13.19
CA VAL C 113 6.42 -34.59 -12.49
C VAL C 113 5.32 -33.68 -13.02
N SER C 114 5.64 -32.41 -13.27
CA SER C 114 4.67 -31.52 -13.91
C SER C 114 4.44 -31.85 -15.37
N PHE C 115 5.37 -32.58 -16.01
CA PHE C 115 5.03 -33.20 -17.28
C PHE C 115 3.96 -34.26 -17.10
N LEU C 116 4.04 -35.03 -16.02
CA LEU C 116 3.14 -36.15 -15.79
C LEU C 116 1.91 -35.77 -15.01
N THR C 117 1.54 -34.50 -15.02
CA THR C 117 0.20 -34.09 -14.63
C THR C 117 -0.72 -33.97 -15.84
N GLU C 118 -0.30 -33.24 -16.86
CA GLU C 118 -1.13 -33.04 -18.03
C GLU C 118 -1.24 -34.28 -18.91
N GLN C 119 -0.41 -35.29 -18.68
CA GLN C 119 -0.68 -36.61 -19.23
C GLN C 119 -1.47 -37.48 -18.26
N LEU C 120 -2.04 -36.89 -17.22
CA LEU C 120 -3.03 -37.57 -16.40
C LEU C 120 -4.36 -36.84 -16.38
N ALA C 121 -4.59 -35.91 -17.31
CA ALA C 121 -5.91 -35.37 -17.52
C ALA C 121 -6.73 -36.18 -18.51
N PHE C 122 -6.12 -37.18 -19.16
CA PHE C 122 -6.83 -37.95 -20.16
C PHE C 122 -7.82 -38.93 -19.55
N TYR C 123 -7.42 -39.63 -18.49
CA TYR C 123 -8.28 -40.64 -17.89
C TYR C 123 -9.18 -40.09 -16.81
N THR C 124 -8.84 -38.93 -16.23
CA THR C 124 -9.57 -38.40 -15.08
C THR C 124 -10.43 -37.18 -15.37
N GLY C 125 -10.17 -36.47 -16.46
CA GLY C 125 -10.96 -35.31 -16.79
C GLY C 125 -10.39 -34.05 -16.18
N PRO C 126 -10.84 -32.89 -16.66
CA PRO C 126 -10.25 -31.63 -16.20
C PRO C 126 -10.65 -31.22 -14.80
N THR C 127 -11.61 -31.90 -14.17
CA THR C 127 -11.97 -31.59 -12.79
C THR C 127 -10.87 -32.04 -11.84
N LEU C 128 -10.44 -33.29 -11.94
CA LEU C 128 -9.30 -33.72 -11.14
C LEU C 128 -7.99 -33.20 -11.72
N GLY C 129 -7.89 -33.19 -13.05
CA GLY C 129 -6.67 -32.77 -13.73
C GLY C 129 -6.38 -31.29 -13.64
N GLY C 130 -7.35 -30.48 -13.24
CA GLY C 130 -7.07 -29.08 -12.98
C GLY C 130 -6.37 -28.90 -11.66
N LEU C 131 -6.79 -29.68 -10.66
CA LEU C 131 -6.25 -29.52 -9.33
C LEU C 131 -4.84 -30.06 -9.22
N LEU C 132 -4.51 -31.08 -9.99
CA LEU C 132 -3.18 -31.65 -9.91
C LEU C 132 -2.14 -30.84 -10.68
N ASN C 133 -2.54 -29.80 -11.38
CA ASN C 133 -1.58 -28.89 -11.99
C ASN C 133 -0.73 -28.20 -10.92
N ALA C 134 -1.39 -27.41 -10.07
CA ALA C 134 -0.71 -26.66 -9.02
C ALA C 134 -0.37 -27.52 -7.82
N THR C 135 -0.79 -28.77 -7.79
CA THR C 135 -0.46 -29.61 -6.64
C THR C 135 0.92 -30.20 -6.79
N CYS C 136 1.23 -30.73 -7.96
CA CYS C 136 2.50 -31.41 -8.17
C CYS C 136 3.56 -30.51 -8.80
N GLY C 137 3.25 -29.26 -9.07
CA GLY C 137 4.28 -28.31 -9.44
C GLY C 137 4.91 -27.73 -8.20
N ASN C 138 4.20 -27.89 -7.07
CA ASN C 138 4.71 -27.58 -5.75
C ASN C 138 4.94 -28.85 -4.95
N ALA C 139 5.34 -29.91 -5.62
CA ALA C 139 5.68 -31.15 -4.94
C ALA C 139 7.11 -31.20 -4.51
N THR C 140 7.75 -30.05 -4.38
CA THR C 140 9.06 -29.97 -3.73
C THR C 140 9.01 -29.16 -2.47
N GLU C 141 8.34 -28.01 -2.47
CA GLU C 141 8.18 -27.24 -1.23
C GLU C 141 7.41 -27.99 -0.17
N LEU C 142 6.48 -28.85 -0.55
CA LEU C 142 5.78 -29.60 0.47
C LEU C 142 6.66 -30.67 1.07
N ILE C 143 7.62 -31.17 0.30
CA ILE C 143 8.49 -32.20 0.81
C ILE C 143 9.53 -31.60 1.74
N ILE C 144 10.13 -30.47 1.34
CA ILE C 144 11.20 -29.87 2.12
C ILE C 144 10.65 -29.19 3.37
N ALA C 145 9.57 -28.40 3.23
CA ALA C 145 9.04 -27.70 4.39
C ALA C 145 8.29 -28.59 5.38
N ILE C 146 8.27 -29.90 5.22
CA ILE C 146 7.95 -30.81 6.32
C ILE C 146 9.20 -31.53 6.83
N LEU C 147 10.16 -31.85 5.96
CA LEU C 147 11.39 -32.45 6.45
C LEU C 147 12.25 -31.47 7.22
N ALA C 148 12.00 -30.18 7.09
CA ALA C 148 12.75 -29.21 7.86
C ALA C 148 12.06 -28.82 9.15
N LEU C 149 10.73 -28.88 9.17
CA LEU C 149 9.98 -28.61 10.38
C LEU C 149 10.25 -29.65 11.44
N THR C 150 10.37 -30.91 11.05
CA THR C 150 10.63 -31.99 11.98
C THR C 150 12.11 -32.15 12.32
N ASN C 151 12.97 -31.21 11.95
CA ASN C 151 14.39 -31.29 12.26
C ASN C 151 14.90 -30.01 12.90
N ASN C 152 14.03 -29.30 13.61
CA ASN C 152 14.34 -28.10 14.38
C ASN C 152 14.80 -26.91 13.55
N LYS C 153 14.73 -26.98 12.22
CA LYS C 153 15.24 -25.92 11.37
C LYS C 153 14.14 -25.04 10.82
N VAL C 154 13.51 -24.28 11.71
CA VAL C 154 12.43 -23.42 11.27
C VAL C 154 12.89 -22.42 10.24
N ALA C 155 14.18 -22.08 10.24
CA ALA C 155 14.62 -21.05 9.32
C ALA C 155 14.16 -21.37 7.91
N VAL C 156 14.43 -22.58 7.45
CA VAL C 156 14.19 -22.97 6.07
C VAL C 156 12.69 -23.09 5.79
N VAL C 157 11.89 -23.47 6.80
CA VAL C 157 10.45 -23.50 6.63
C VAL C 157 9.90 -22.09 6.54
N LYS C 158 10.62 -21.12 7.07
CA LYS C 158 10.19 -19.74 7.00
C LYS C 158 10.79 -18.99 5.82
N TYR C 159 11.76 -19.54 5.12
CA TYR C 159 12.21 -18.86 3.91
C TYR C 159 11.77 -19.56 2.64
N SER C 160 11.80 -20.89 2.59
CA SER C 160 11.47 -21.58 1.35
C SER C 160 9.99 -21.45 1.00
N LEU C 161 9.12 -21.32 2.00
CA LEU C 161 7.73 -21.01 1.74
C LEU C 161 7.52 -19.53 1.48
N LEU C 162 8.53 -18.70 1.69
CA LEU C 162 8.50 -17.31 1.27
C LEU C 162 9.17 -17.09 -0.07
N GLY C 163 10.28 -17.77 -0.32
CA GLY C 163 10.99 -17.62 -1.56
C GLY C 163 10.28 -18.17 -2.78
N SER C 164 9.21 -18.95 -2.59
CA SER C 164 8.34 -19.34 -3.67
C SER C 164 7.19 -18.38 -3.86
N ILE C 165 6.97 -17.47 -2.93
CA ILE C 165 5.99 -16.45 -3.17
C ILE C 165 6.63 -15.32 -3.95
N LEU C 166 7.91 -15.04 -3.71
CA LEU C 166 8.56 -13.98 -4.46
C LEU C 166 8.92 -14.45 -5.87
N SER C 167 9.37 -15.69 -6.01
CA SER C 167 9.79 -16.18 -7.30
C SER C 167 8.61 -16.46 -8.22
N ASN C 168 7.42 -16.71 -7.68
CA ASN C 168 6.23 -16.78 -8.50
C ASN C 168 5.61 -15.43 -8.78
N LEU C 169 6.24 -14.34 -8.36
CA LEU C 169 5.67 -13.04 -8.62
C LEU C 169 6.63 -12.08 -9.29
N LEU C 170 7.93 -12.31 -9.25
CA LEU C 170 8.85 -11.37 -9.85
C LEU C 170 9.87 -12.03 -10.75
N LEU C 171 9.89 -13.32 -10.84
CA LEU C 171 10.84 -13.95 -11.74
C LEU C 171 10.19 -14.96 -12.67
N VAL C 172 9.20 -15.72 -12.21
CA VAL C 172 8.37 -16.47 -13.14
C VAL C 172 7.56 -15.50 -13.98
N LEU C 173 7.05 -14.47 -13.35
CA LEU C 173 6.14 -13.56 -14.02
C LEU C 173 6.87 -12.45 -14.76
N GLY C 174 7.93 -11.92 -14.19
CA GLY C 174 8.62 -10.81 -14.83
C GLY C 174 9.43 -11.23 -16.03
N THR C 175 9.88 -12.47 -16.07
CA THR C 175 10.56 -12.97 -17.25
C THR C 175 9.57 -13.24 -18.37
N SER C 176 8.39 -13.73 -18.05
CA SER C 176 7.40 -14.05 -19.07
C SER C 176 6.64 -12.85 -19.58
N LEU C 177 7.05 -11.62 -19.25
CA LEU C 177 6.61 -10.44 -19.97
C LEU C 177 7.74 -9.80 -20.75
N PHE C 178 8.95 -9.85 -20.22
CA PHE C 178 10.13 -9.40 -20.95
C PHE C 178 10.46 -10.37 -22.08
N CYS C 179 10.62 -11.65 -21.77
CA CYS C 179 10.99 -12.63 -22.77
C CYS C 179 9.84 -13.10 -23.63
N GLY C 180 8.70 -12.43 -23.57
CA GLY C 180 7.71 -12.62 -24.59
C GLY C 180 7.47 -11.32 -25.30
N GLY C 181 7.60 -10.21 -24.57
CA GLY C 181 7.32 -8.90 -25.12
C GLY C 181 8.32 -8.44 -26.17
N ILE C 182 9.50 -9.05 -26.20
CA ILE C 182 10.46 -8.79 -27.26
C ILE C 182 10.08 -9.58 -28.50
N ALA C 183 9.47 -10.75 -28.33
CA ALA C 183 9.09 -11.53 -29.49
C ALA C 183 7.87 -10.93 -30.18
N ASN C 184 6.88 -10.52 -29.40
CA ASN C 184 5.62 -10.01 -29.94
C ASN C 184 5.57 -8.50 -29.84
N ILE C 185 6.70 -7.82 -30.11
CA ILE C 185 6.74 -6.37 -29.96
C ILE C 185 5.95 -5.70 -31.07
N ARG C 186 5.80 -6.36 -32.23
CA ARG C 186 5.02 -5.77 -33.30
C ARG C 186 3.56 -6.16 -33.23
N ARG C 187 3.26 -7.36 -32.72
CA ARG C 187 1.90 -7.72 -32.41
C ARG C 187 1.46 -7.05 -31.12
N GLU C 188 0.21 -7.25 -30.74
CA GLU C 188 -0.32 -6.64 -29.52
C GLU C 188 -0.76 -7.73 -28.56
N GLN C 189 -0.47 -7.53 -27.28
CA GLN C 189 -0.65 -8.55 -26.26
C GLN C 189 -1.76 -8.11 -25.30
N ARG C 190 -2.68 -9.02 -25.01
CA ARG C 190 -3.75 -8.77 -24.07
C ARG C 190 -4.03 -10.04 -23.29
N PHE C 191 -4.52 -9.88 -22.07
CA PHE C 191 -4.86 -11.02 -21.25
C PHE C 191 -6.21 -10.76 -20.58
N ASP C 192 -6.59 -11.69 -19.71
CA ASP C 192 -7.86 -11.67 -19.00
C ASP C 192 -7.62 -11.11 -17.61
N ARG C 193 -8.26 -9.98 -17.29
CA ARG C 193 -8.11 -9.42 -15.95
C ARG C 193 -8.86 -10.23 -14.92
N LYS C 194 -10.05 -10.71 -15.26
CA LYS C 194 -10.96 -11.24 -14.26
C LYS C 194 -10.51 -12.59 -13.73
N GLN C 195 -9.60 -13.26 -14.44
CA GLN C 195 -8.98 -14.45 -13.90
C GLN C 195 -7.96 -14.11 -12.82
N ALA C 196 -7.36 -12.92 -12.89
CA ALA C 196 -6.28 -12.53 -11.99
C ALA C 196 -6.66 -11.37 -11.07
N ASP C 197 -7.93 -11.27 -10.70
CA ASP C 197 -8.34 -10.42 -9.60
C ASP C 197 -8.67 -11.20 -8.36
N VAL C 198 -9.16 -12.44 -8.52
CA VAL C 198 -9.47 -13.29 -7.39
C VAL C 198 -8.20 -13.74 -6.69
N ASN C 199 -7.08 -13.74 -7.40
CA ASN C 199 -5.84 -14.18 -6.79
C ASN C 199 -5.24 -13.12 -5.89
N PHE C 200 -5.43 -11.84 -6.22
CA PHE C 200 -4.89 -10.81 -5.35
C PHE C 200 -5.79 -10.52 -4.18
N PHE C 201 -7.02 -10.99 -4.17
CA PHE C 201 -7.83 -10.87 -2.97
C PHE C 201 -7.28 -11.77 -1.88
N LEU C 202 -6.87 -12.97 -2.27
CA LEU C 202 -6.36 -13.94 -1.32
C LEU C 202 -4.97 -13.60 -0.84
N LEU C 203 -4.13 -13.01 -1.70
CA LEU C 203 -2.77 -12.64 -1.29
C LEU C 203 -2.75 -11.46 -0.34
N LEU C 204 -3.85 -10.72 -0.24
CA LEU C 204 -4.01 -9.74 0.82
C LEU C 204 -4.70 -10.31 2.04
N LEU C 205 -5.37 -11.45 1.90
CA LEU C 205 -5.75 -12.21 3.08
C LEU C 205 -4.57 -12.94 3.64
N GLY C 206 -3.59 -13.23 2.80
CA GLY C 206 -2.38 -13.88 3.26
C GLY C 206 -1.47 -12.93 3.98
N PHE C 207 -1.38 -11.70 3.50
CA PHE C 207 -0.39 -10.78 4.02
C PHE C 207 -0.77 -10.29 5.42
N LEU C 208 -2.05 -10.00 5.63
CA LEU C 208 -2.50 -9.50 6.92
C LEU C 208 -2.32 -10.52 8.03
N CYS C 209 -2.38 -11.81 7.70
CA CYS C 209 -2.03 -12.86 8.66
C CYS C 209 -0.56 -12.87 8.99
N HIS C 210 0.29 -12.27 8.14
CA HIS C 210 1.71 -12.11 8.44
C HIS C 210 2.02 -10.79 9.11
N LEU C 211 1.13 -9.81 9.01
CA LEU C 211 1.48 -8.50 9.51
C LEU C 211 1.27 -8.42 11.00
N LEU C 212 0.17 -8.94 11.49
CA LEU C 212 -0.18 -8.82 12.89
C LEU C 212 0.70 -9.61 13.86
N PRO C 213 1.21 -10.83 13.55
CA PRO C 213 2.20 -11.42 14.48
C PRO C 213 3.54 -10.74 14.44
N LEU C 214 3.85 -10.01 13.39
CA LEU C 214 5.07 -9.20 13.39
C LEU C 214 4.96 -8.05 14.38
N LEU C 215 3.83 -7.35 14.39
CA LEU C 215 3.70 -6.14 15.18
C LEU C 215 3.45 -6.42 16.65
N VAL C 216 3.11 -7.65 17.02
CA VAL C 216 3.02 -7.99 18.43
C VAL C 216 4.41 -8.00 19.04
N GLY C 217 5.44 -8.29 18.25
CA GLY C 217 6.79 -8.27 18.76
C GLY C 217 7.37 -6.89 19.01
N TYR C 218 6.67 -5.83 18.62
CA TYR C 218 7.10 -4.46 18.87
C TYR C 218 6.17 -3.77 19.85
N LEU C 219 5.68 -4.51 20.82
CA LEU C 219 4.84 -3.99 21.88
C LEU C 219 5.55 -4.10 23.22
N LYS C 220 6.84 -3.76 23.25
CA LYS C 220 7.64 -3.89 24.47
C LYS C 220 7.21 -2.91 25.56
N ASN C 221 6.45 -1.86 25.20
CA ASN C 221 5.88 -0.94 26.17
C ASN C 221 4.81 -1.58 27.05
N GLY C 222 4.19 -2.67 26.60
CA GLY C 222 2.95 -3.14 27.18
C GLY C 222 2.96 -3.74 28.57
N GLU C 223 4.11 -3.69 29.25
CA GLU C 223 4.34 -4.27 30.59
C GLU C 223 4.22 -5.79 30.50
N ALA C 224 4.72 -6.36 29.41
CA ALA C 224 4.73 -7.79 29.19
C ALA C 224 6.14 -8.22 28.80
N SER C 225 6.53 -9.40 29.25
CA SER C 225 7.88 -9.89 28.99
C SER C 225 7.98 -10.42 27.57
N ALA C 226 9.10 -11.06 27.25
CA ALA C 226 9.21 -11.70 25.95
C ALA C 226 8.37 -12.97 25.89
N ALA C 227 8.41 -13.77 26.95
CA ALA C 227 7.69 -15.05 26.97
C ALA C 227 6.19 -14.90 27.21
N VAL C 228 5.70 -13.68 27.42
CA VAL C 228 4.27 -13.44 27.39
C VAL C 228 3.80 -13.10 26.00
N LEU C 229 4.52 -12.21 25.31
CA LEU C 229 4.15 -11.84 23.96
C LEU C 229 4.47 -12.96 22.97
N SER C 230 5.49 -13.76 23.24
CA SER C 230 5.86 -14.77 22.25
C SER C 230 4.94 -15.96 22.24
N ASP C 231 3.99 -16.06 23.17
CA ASP C 231 2.92 -17.02 23.08
C ASP C 231 1.61 -16.35 22.76
N MET C 232 1.63 -15.05 22.53
CA MET C 232 0.54 -14.33 21.90
C MET C 232 0.71 -14.30 20.39
N GLN C 233 1.95 -14.42 19.92
CA GLN C 233 2.21 -14.67 18.51
C GLN C 233 1.93 -16.10 18.12
N LEU C 234 1.84 -17.00 19.09
CA LEU C 234 1.67 -18.40 18.80
C LEU C 234 0.20 -18.77 18.77
N SER C 235 -0.60 -18.16 19.63
CA SER C 235 -2.00 -18.52 19.73
C SER C 235 -2.82 -17.90 18.61
N ILE C 236 -2.43 -16.73 18.13
CA ILE C 236 -3.16 -16.09 17.04
C ILE C 236 -2.65 -16.51 15.68
N SER C 237 -1.51 -17.19 15.59
CA SER C 237 -1.06 -17.76 14.33
C SER C 237 -1.61 -19.15 14.11
N ARG C 238 -1.82 -19.91 15.17
CA ARG C 238 -2.52 -21.17 15.14
C ARG C 238 -4.02 -21.01 14.98
N GLY C 239 -4.53 -19.78 14.90
CA GLY C 239 -5.94 -19.54 14.75
C GLY C 239 -6.23 -18.82 13.47
N PHE C 240 -5.26 -18.08 12.94
CA PHE C 240 -5.39 -17.54 11.61
C PHE C 240 -5.30 -18.62 10.55
N SER C 241 -4.74 -19.77 10.89
CA SER C 241 -4.50 -20.82 9.91
C SER C 241 -5.75 -21.57 9.52
N ILE C 242 -6.79 -21.58 10.34
CA ILE C 242 -8.03 -22.15 9.85
C ILE C 242 -8.74 -21.16 8.94
N VAL C 243 -8.69 -19.87 9.27
CA VAL C 243 -9.30 -18.84 8.42
C VAL C 243 -8.54 -18.69 7.11
N MET C 244 -7.28 -19.07 7.04
CA MET C 244 -6.62 -19.14 5.75
C MET C 244 -7.02 -20.38 4.96
N LEU C 245 -7.33 -21.49 5.62
CA LEU C 245 -7.74 -22.66 4.86
C LEU C 245 -9.16 -22.56 4.34
N ILE C 246 -10.03 -21.83 5.02
CA ILE C 246 -11.41 -21.77 4.54
C ILE C 246 -11.51 -20.85 3.34
N SER C 247 -10.60 -19.90 3.22
CA SER C 247 -10.54 -19.08 2.01
C SER C 247 -9.57 -19.63 0.97
N TYR C 248 -9.37 -20.91 0.96
CA TYR C 248 -8.81 -21.60 -0.19
C TYR C 248 -9.69 -22.75 -0.62
N ILE C 249 -10.31 -23.46 0.33
CA ILE C 249 -11.31 -24.45 -0.02
C ILE C 249 -12.53 -23.79 -0.64
N ALA C 250 -12.80 -22.54 -0.30
CA ALA C 250 -13.79 -21.79 -1.06
C ALA C 250 -13.27 -21.45 -2.45
N TYR C 251 -11.97 -21.21 -2.59
CA TYR C 251 -11.42 -20.82 -3.89
C TYR C 251 -11.40 -21.97 -4.87
N LEU C 252 -11.37 -23.20 -4.39
CA LEU C 252 -11.53 -24.31 -5.31
C LEU C 252 -12.97 -24.44 -5.79
N VAL C 253 -13.94 -24.20 -4.91
CA VAL C 253 -15.34 -24.37 -5.28
C VAL C 253 -15.75 -23.30 -6.29
N PHE C 254 -15.25 -22.08 -6.09
CA PHE C 254 -15.47 -21.00 -7.04
C PHE C 254 -14.89 -21.32 -8.42
N GLN C 255 -13.75 -21.97 -8.45
CA GLN C 255 -13.09 -22.25 -9.71
C GLN C 255 -13.55 -23.55 -10.33
N LEU C 256 -13.66 -24.60 -9.54
CA LEU C 256 -13.99 -25.89 -10.14
C LEU C 256 -15.48 -26.15 -10.23
N TRP C 257 -16.32 -25.33 -9.62
CA TRP C 257 -17.72 -25.64 -9.83
C TRP C 257 -18.60 -24.46 -10.20
N THR C 258 -18.38 -23.29 -9.60
CA THR C 258 -19.34 -22.21 -9.82
C THR C 258 -19.08 -21.50 -11.12
N HIS C 259 -17.87 -20.99 -11.34
CA HIS C 259 -17.58 -20.26 -12.57
C HIS C 259 -16.60 -21.06 -13.41
N ARG C 260 -17.13 -22.04 -14.12
CA ARG C 260 -16.45 -22.66 -15.24
C ARG C 260 -16.99 -22.12 -16.56
N GLN C 261 -16.97 -20.80 -16.67
CA GLN C 261 -17.26 -20.15 -17.94
C GLN C 261 -15.98 -19.70 -18.62
N LEU C 262 -15.04 -19.19 -17.84
CA LEU C 262 -13.79 -18.63 -18.32
C LEU C 262 -12.59 -19.03 -17.48
N PHE C 263 -12.78 -19.60 -16.30
CA PHE C 263 -11.77 -19.58 -15.25
C PHE C 263 -11.22 -20.99 -15.05
N VAL C 282 -1.18 -41.40 -25.89
CA VAL C 282 0.17 -40.91 -25.65
C VAL C 282 0.88 -41.83 -24.66
N ILE C 283 0.52 -41.74 -23.38
CA ILE C 283 1.03 -42.61 -22.34
C ILE C 283 -0.15 -43.28 -21.67
N SER C 284 -0.11 -44.60 -21.55
CA SER C 284 -1.23 -45.30 -20.94
C SER C 284 -1.24 -45.07 -19.44
N PHE C 285 -2.44 -45.17 -18.85
CA PHE C 285 -2.67 -44.74 -17.49
C PHE C 285 -2.11 -45.72 -16.47
N TRP C 286 -2.10 -47.01 -16.78
CA TRP C 286 -1.53 -47.99 -15.85
C TRP C 286 -0.03 -47.81 -15.68
N SER C 287 0.63 -47.29 -16.72
CA SER C 287 1.99 -46.81 -16.58
C SER C 287 2.05 -45.36 -16.13
N GLY C 288 0.97 -44.61 -16.32
CA GLY C 288 1.02 -43.18 -16.02
C GLY C 288 1.03 -42.91 -14.54
N PHE C 289 0.32 -43.72 -13.77
CA PHE C 289 0.40 -43.62 -12.33
C PHE C 289 1.75 -44.07 -11.81
N ALA C 290 2.47 -44.90 -12.57
CA ALA C 290 3.70 -45.50 -12.06
C ALA C 290 4.82 -44.46 -11.93
N TRP C 291 4.95 -43.56 -12.90
CA TRP C 291 5.96 -42.51 -12.79
C TRP C 291 5.43 -41.26 -12.11
N LEU C 292 4.45 -41.41 -11.23
CA LEU C 292 4.22 -40.46 -10.15
C LEU C 292 4.29 -41.19 -8.81
N VAL C 293 4.64 -42.47 -8.84
CA VAL C 293 4.97 -43.19 -7.62
C VAL C 293 6.45 -43.05 -7.32
N GLY C 294 7.28 -43.49 -8.26
CA GLY C 294 8.71 -43.47 -8.02
C GLY C 294 9.29 -42.08 -8.01
N MET C 295 8.86 -41.22 -8.94
CA MET C 295 9.48 -39.90 -9.07
C MET C 295 8.85 -38.90 -8.12
N THR C 296 8.22 -39.37 -7.06
CA THR C 296 8.12 -38.56 -5.85
C THR C 296 8.99 -39.16 -4.75
N LEU C 297 9.21 -40.48 -4.80
CA LEU C 297 10.03 -41.14 -3.78
C LEU C 297 11.48 -40.69 -3.85
N VAL C 298 11.98 -40.38 -5.05
CA VAL C 298 13.33 -39.84 -5.11
C VAL C 298 13.33 -38.41 -4.60
N ILE C 299 12.24 -37.67 -4.77
CA ILE C 299 12.10 -36.37 -4.14
C ILE C 299 11.88 -36.49 -2.65
N ALA C 300 11.47 -37.65 -2.15
CA ALA C 300 11.48 -37.85 -0.71
C ALA C 300 12.89 -38.15 -0.21
N LEU C 301 13.77 -38.61 -1.09
CA LEU C 301 15.12 -38.93 -0.69
C LEU C 301 16.04 -37.72 -0.83
N LEU C 302 15.94 -37.04 -1.98
CA LEU C 302 16.78 -35.88 -2.22
C LEU C 302 16.24 -34.61 -1.59
N SER C 303 15.26 -34.73 -0.70
CA SER C 303 14.95 -33.61 0.16
C SER C 303 15.51 -33.80 1.55
N GLU C 304 15.68 -35.05 2.00
CA GLU C 304 16.40 -35.26 3.25
C GLU C 304 17.85 -34.83 3.12
N TYR C 305 18.44 -34.99 1.94
CA TYR C 305 19.84 -34.64 1.83
C TYR C 305 20.04 -33.13 1.73
N VAL C 306 19.04 -32.39 1.27
CA VAL C 306 19.18 -30.94 1.24
C VAL C 306 19.00 -30.37 2.64
N VAL C 307 18.01 -30.86 3.37
CA VAL C 307 17.67 -30.24 4.63
C VAL C 307 18.69 -30.57 5.71
N ALA C 308 19.12 -31.83 5.79
CA ALA C 308 19.98 -32.22 6.89
C ALA C 308 21.39 -31.70 6.78
N THR C 309 21.80 -31.16 5.63
CA THR C 309 23.16 -30.68 5.43
C THR C 309 23.16 -29.32 4.77
N ILE C 310 22.38 -28.36 5.28
CA ILE C 310 22.44 -27.01 4.74
C ILE C 310 23.30 -26.09 5.59
N GLU C 311 23.57 -26.44 6.85
CA GLU C 311 24.47 -25.61 7.63
C GLU C 311 25.91 -25.76 7.17
N GLU C 312 26.38 -27.00 7.08
CA GLU C 312 27.76 -27.27 6.79
C GLU C 312 28.13 -26.97 5.34
N ALA C 313 27.14 -26.78 4.47
CA ALA C 313 27.38 -26.36 3.10
C ALA C 313 27.04 -24.91 2.88
N SER C 314 26.90 -24.13 3.95
CA SER C 314 26.88 -22.68 3.85
C SER C 314 28.10 -22.02 4.49
N ASP C 315 28.76 -22.71 5.43
CA ASP C 315 30.06 -22.25 5.88
C ASP C 315 31.11 -22.38 4.79
N LYS C 316 31.06 -23.46 4.04
CA LYS C 316 32.08 -23.74 3.04
C LYS C 316 31.93 -22.90 1.79
N TRP C 317 30.88 -22.09 1.68
CA TRP C 317 30.75 -21.15 0.58
C TRP C 317 30.64 -19.71 1.04
N ASN C 318 30.47 -19.47 2.34
CA ASN C 318 30.29 -18.15 2.94
C ASN C 318 29.11 -17.42 2.29
N LEU C 319 28.09 -18.18 1.95
CA LEU C 319 26.78 -17.67 1.62
C LEU C 319 25.94 -17.71 2.89
N SER C 320 25.02 -16.78 3.03
CA SER C 320 24.17 -16.80 4.20
C SER C 320 23.04 -17.82 4.01
N VAL C 321 22.60 -18.42 5.12
CA VAL C 321 21.51 -19.39 5.05
C VAL C 321 20.19 -18.70 4.78
N SER C 322 20.10 -17.39 4.99
CA SER C 322 18.99 -16.62 4.49
C SER C 322 19.18 -16.18 3.04
N PHE C 323 20.12 -16.76 2.32
CA PHE C 323 20.23 -16.63 0.88
C PHE C 323 20.10 -17.94 0.18
N ILE C 324 20.56 -19.03 0.77
CA ILE C 324 20.37 -20.33 0.16
C ILE C 324 18.91 -20.74 0.26
N SER C 325 18.29 -20.50 1.40
CA SER C 325 16.92 -20.93 1.61
C SER C 325 15.89 -20.06 0.92
N ILE C 326 16.26 -18.86 0.48
CA ILE C 326 15.30 -17.95 -0.13
C ILE C 326 15.59 -17.68 -1.60
N ILE C 327 16.79 -17.96 -2.11
CA ILE C 327 17.04 -17.73 -3.52
C ILE C 327 17.40 -19.01 -4.24
N LEU C 328 18.50 -19.65 -3.84
CA LEU C 328 19.01 -20.78 -4.62
C LEU C 328 18.09 -21.99 -4.55
N LEU C 329 17.44 -22.19 -3.43
CA LEU C 329 16.54 -23.32 -3.30
C LEU C 329 15.20 -23.10 -4.02
N PRO C 330 14.59 -21.82 -4.12
CA PRO C 330 13.48 -21.60 -5.06
C PRO C 330 13.89 -21.38 -6.51
N ILE C 331 14.74 -22.26 -7.03
CA ILE C 331 14.97 -22.38 -8.45
C ILE C 331 14.63 -23.81 -8.78
N VAL C 332 14.79 -24.68 -7.78
CA VAL C 332 14.34 -26.06 -7.93
C VAL C 332 12.84 -26.12 -7.92
N GLY C 333 12.20 -25.50 -6.93
CA GLY C 333 10.77 -25.63 -6.74
C GLY C 333 9.91 -24.91 -7.76
N ASN C 334 10.52 -24.08 -8.60
CA ASN C 334 9.86 -23.37 -9.68
C ASN C 334 10.62 -23.59 -10.98
N ALA C 335 11.05 -24.81 -11.21
CA ALA C 335 11.74 -25.16 -12.44
C ALA C 335 10.82 -25.70 -13.50
N ALA C 336 9.58 -26.04 -13.14
CA ALA C 336 8.56 -26.40 -14.11
C ALA C 336 7.59 -25.28 -14.35
N GLU C 337 7.37 -24.44 -13.35
CA GLU C 337 6.52 -23.27 -13.48
C GLU C 337 7.19 -22.15 -14.25
N HIS C 338 8.45 -22.33 -14.66
CA HIS C 338 9.21 -21.29 -15.32
C HIS C 338 9.35 -21.55 -16.80
N ALA C 339 9.84 -22.74 -17.17
CA ALA C 339 9.87 -23.15 -18.56
C ALA C 339 8.55 -23.75 -19.03
N GLY C 340 7.51 -23.70 -18.21
CA GLY C 340 6.19 -24.03 -18.67
C GLY C 340 5.33 -22.79 -18.76
N ALA C 341 5.96 -21.64 -18.48
CA ALA C 341 5.33 -20.35 -18.67
C ALA C 341 5.97 -19.53 -19.76
N VAL C 342 7.27 -19.74 -20.03
CA VAL C 342 7.90 -19.13 -21.18
C VAL C 342 7.62 -19.94 -22.44
N ILE C 343 6.98 -21.10 -22.32
CA ILE C 343 6.34 -21.68 -23.49
C ILE C 343 5.21 -20.79 -23.97
N PHE C 344 4.31 -20.42 -23.07
CA PHE C 344 3.09 -19.75 -23.48
C PHE C 344 3.25 -18.23 -23.58
N ALA C 345 4.38 -17.67 -23.18
CA ALA C 345 4.52 -16.24 -23.40
C ALA C 345 4.85 -15.92 -24.84
N PHE C 346 5.45 -16.86 -25.56
CA PHE C 346 5.78 -16.64 -26.97
C PHE C 346 4.59 -16.81 -27.90
N LYS C 347 3.52 -17.42 -27.44
CA LYS C 347 2.37 -17.66 -28.29
C LYS C 347 1.32 -16.56 -28.18
N ASN C 348 1.67 -15.45 -27.55
CA ASN C 348 0.76 -14.36 -27.18
C ASN C 348 -0.42 -14.89 -26.40
N LYS C 349 -0.16 -15.87 -25.54
CA LYS C 349 -1.18 -16.40 -24.65
C LYS C 349 -0.71 -16.10 -23.25
N LEU C 350 -0.97 -14.89 -22.80
CA LEU C 350 -0.57 -14.54 -21.45
C LEU C 350 -1.61 -14.94 -20.43
N ASP C 351 -2.75 -15.48 -20.87
CA ASP C 351 -3.72 -15.97 -19.90
C ASP C 351 -3.21 -17.19 -19.17
N ILE C 352 -2.35 -17.97 -19.81
CA ILE C 352 -1.84 -19.17 -19.17
C ILE C 352 -0.62 -18.86 -18.33
N SER C 353 0.26 -17.96 -18.78
CA SER C 353 1.37 -17.49 -17.96
C SER C 353 0.95 -16.45 -16.92
N LEU C 354 -0.34 -16.27 -16.68
CA LEU C 354 -0.84 -15.70 -15.46
C LEU C 354 -1.65 -16.69 -14.66
N GLY C 355 -1.87 -17.88 -15.17
CA GLY C 355 -2.55 -18.90 -14.43
C GLY C 355 -1.54 -19.84 -13.84
N VAL C 356 -0.30 -19.70 -14.30
CA VAL C 356 0.81 -20.41 -13.73
C VAL C 356 1.54 -19.58 -12.68
N ALA C 357 1.79 -18.31 -12.99
CA ALA C 357 2.55 -17.47 -12.07
C ALA C 357 1.72 -17.08 -10.85
N LEU C 358 0.46 -16.71 -11.05
CA LEU C 358 -0.37 -16.32 -9.91
C LEU C 358 -1.05 -17.50 -9.25
N GLY C 359 -1.54 -18.45 -10.04
CA GLY C 359 -2.25 -19.58 -9.47
C GLY C 359 -1.38 -20.56 -8.73
N SER C 360 -0.07 -20.42 -8.81
CA SER C 360 0.82 -21.19 -7.97
C SER C 360 1.23 -20.45 -6.72
N ALA C 361 1.29 -19.12 -6.78
CA ALA C 361 1.66 -18.35 -5.61
C ALA C 361 0.56 -18.33 -4.56
N THR C 362 -0.68 -18.53 -4.96
CA THR C 362 -1.78 -18.55 -4.00
C THR C 362 -1.72 -19.78 -3.11
N GLN C 363 -1.40 -20.95 -3.68
CA GLN C 363 -1.30 -22.15 -2.86
C GLN C 363 -0.09 -22.10 -1.93
N ILE C 364 1.02 -21.52 -2.38
CA ILE C 364 2.14 -21.27 -1.48
C ILE C 364 1.80 -20.17 -0.49
N GLY C 365 0.83 -19.33 -0.82
CA GLY C 365 0.35 -18.39 0.17
C GLY C 365 -0.61 -19.00 1.17
N LEU C 366 -1.61 -19.75 0.68
CA LEU C 366 -2.78 -20.06 1.50
C LEU C 366 -3.07 -21.53 1.64
N PHE C 367 -2.22 -22.40 1.17
CA PHE C 367 -2.42 -23.78 1.56
C PHE C 367 -1.15 -24.43 2.07
N VAL C 368 0.00 -24.10 1.52
CA VAL C 368 1.21 -24.76 1.99
C VAL C 368 1.70 -24.11 3.27
N VAL C 369 1.48 -22.81 3.42
CA VAL C 369 1.81 -22.15 4.68
C VAL C 369 0.83 -22.54 5.79
N PRO C 370 -0.52 -22.35 5.68
CA PRO C 370 -1.35 -22.67 6.84
C PRO C 370 -1.69 -24.14 6.97
N LEU C 371 -0.95 -25.01 6.31
CA LEU C 371 -0.95 -26.40 6.73
C LEU C 371 0.23 -26.71 7.61
N THR C 372 1.36 -26.03 7.39
CA THR C 372 2.54 -26.21 8.22
C THR C 372 2.34 -25.65 9.62
N ILE C 373 1.50 -24.63 9.78
CA ILE C 373 1.22 -24.12 11.12
C ILE C 373 0.34 -25.10 11.87
N ILE C 374 -0.54 -25.80 11.16
CA ILE C 374 -1.36 -26.82 11.79
C ILE C 374 -0.53 -28.07 12.08
N VAL C 375 0.34 -28.46 11.15
CA VAL C 375 1.11 -29.70 11.31
C VAL C 375 2.07 -29.59 12.48
N ALA C 376 2.66 -28.41 12.69
CA ALA C 376 3.47 -28.17 13.86
C ALA C 376 2.64 -28.30 15.12
N TRP C 377 1.49 -27.64 15.14
CA TRP C 377 0.66 -27.60 16.33
C TRP C 377 0.02 -28.95 16.63
N ILE C 378 -0.19 -29.79 15.62
CA ILE C 378 -0.58 -31.16 15.93
C ILE C 378 0.60 -31.91 16.52
N LEU C 379 1.81 -31.66 16.02
CA LEU C 379 2.97 -32.32 16.62
C LEU C 379 3.36 -31.68 17.94
N GLY C 380 3.17 -30.38 18.08
CA GLY C 380 3.55 -29.72 19.32
C GLY C 380 4.89 -29.03 19.22
N ILE C 381 5.11 -28.29 18.14
CA ILE C 381 6.35 -27.58 17.87
C ILE C 381 6.03 -26.11 17.73
N ASN C 382 6.78 -25.27 18.44
CA ASN C 382 6.55 -23.83 18.45
C ASN C 382 6.84 -23.24 17.08
N MET C 383 5.79 -22.93 16.33
CA MET C 383 5.96 -22.23 15.08
C MET C 383 4.79 -21.29 14.84
N ASP C 384 5.10 -20.03 14.62
CA ASP C 384 4.15 -18.98 14.30
C ASP C 384 4.35 -18.53 12.86
N LEU C 385 3.63 -17.49 12.48
CA LEU C 385 3.76 -16.91 11.16
C LEU C 385 4.70 -15.72 11.12
N ASN C 386 5.52 -15.54 12.14
CA ASN C 386 6.46 -14.42 12.18
C ASN C 386 7.60 -14.70 11.22
N PHE C 387 7.73 -13.91 10.17
CA PHE C 387 8.86 -14.05 9.26
C PHE C 387 9.94 -12.99 9.47
N GLY C 388 9.65 -11.92 10.19
CA GLY C 388 10.64 -10.92 10.48
C GLY C 388 10.25 -9.58 9.91
N PRO C 389 11.00 -8.54 10.22
CA PRO C 389 10.65 -7.21 9.70
C PRO C 389 11.20 -6.97 8.31
N LEU C 390 12.28 -7.66 7.97
CA LEU C 390 12.93 -7.41 6.70
C LEU C 390 12.26 -8.18 5.57
N GLU C 391 11.76 -9.37 5.87
CA GLU C 391 11.09 -10.21 4.90
C GLU C 391 9.70 -9.73 4.57
N THR C 392 9.08 -8.97 5.44
CA THR C 392 7.69 -8.56 5.25
C THR C 392 7.58 -7.41 4.26
N GLY C 393 8.53 -6.47 4.29
CA GLY C 393 8.51 -5.39 3.33
C GLY C 393 8.73 -5.83 1.89
N CYS C 394 9.49 -6.90 1.71
CA CYS C 394 9.68 -7.46 0.38
C CYS C 394 8.42 -8.15 -0.11
N LEU C 395 7.73 -8.86 0.78
CA LEU C 395 6.44 -9.46 0.44
C LEU C 395 5.35 -8.41 0.30
N ALA C 396 5.48 -7.25 0.93
CA ALA C 396 4.43 -6.25 0.82
C ALA C 396 4.53 -5.49 -0.48
N VAL C 397 5.74 -5.20 -0.94
CA VAL C 397 5.88 -4.42 -2.17
C VAL C 397 5.58 -5.29 -3.38
N SER C 398 5.89 -6.58 -3.29
CA SER C 398 5.70 -7.49 -4.42
C SER C 398 4.23 -7.66 -4.78
N ILE C 399 3.33 -7.50 -3.82
CA ILE C 399 1.91 -7.60 -4.13
C ILE C 399 1.41 -6.27 -4.69
N ILE C 400 1.99 -5.16 -4.29
CA ILE C 400 1.51 -3.87 -4.77
C ILE C 400 2.05 -3.55 -6.15
N ILE C 401 3.32 -3.87 -6.42
CA ILE C 401 3.86 -3.63 -7.76
C ILE C 401 3.23 -4.59 -8.77
N THR C 402 2.78 -5.76 -8.34
CA THR C 402 2.21 -6.68 -9.30
C THR C 402 0.80 -6.26 -9.67
N ALA C 403 0.12 -5.55 -8.77
CA ALA C 403 -1.24 -5.16 -9.05
C ALA C 403 -1.29 -4.02 -10.05
N PHE C 404 -0.37 -3.06 -9.95
CA PHE C 404 -0.37 -1.97 -10.91
C PHE C 404 0.17 -2.39 -12.27
N THR C 405 0.89 -3.51 -12.32
CA THR C 405 1.36 -4.00 -13.60
C THR C 405 0.24 -4.63 -14.41
N LEU C 406 -0.77 -5.19 -13.74
CA LEU C 406 -1.79 -5.98 -14.40
C LEU C 406 -3.12 -5.26 -14.50
N GLN C 407 -3.21 -3.98 -14.20
CA GLN C 407 -4.52 -3.37 -14.02
C GLN C 407 -5.11 -2.82 -15.31
N ASP C 408 -4.59 -3.19 -16.46
CA ASP C 408 -5.26 -2.78 -17.69
C ASP C 408 -5.39 -3.86 -18.75
N GLY C 409 -4.67 -4.96 -18.66
CA GLY C 409 -4.85 -6.01 -19.65
C GLY C 409 -4.14 -5.78 -20.95
N SER C 410 -2.99 -5.10 -20.94
CA SER C 410 -2.17 -4.94 -22.13
C SER C 410 -0.73 -4.88 -21.68
N SER C 411 0.11 -5.71 -22.29
CA SER C 411 1.47 -5.88 -21.82
C SER C 411 2.48 -5.53 -22.90
N HIS C 412 3.52 -4.82 -22.50
CA HIS C 412 4.74 -4.66 -23.27
C HIS C 412 5.88 -5.07 -22.37
N TYR C 413 7.10 -4.98 -22.88
CA TYR C 413 8.21 -5.59 -22.18
C TYR C 413 8.69 -4.78 -20.99
N MET C 414 8.47 -3.47 -20.98
CA MET C 414 8.93 -2.63 -19.89
C MET C 414 8.16 -2.91 -18.61
N LYS C 415 6.99 -3.52 -18.71
CA LYS C 415 6.34 -4.02 -17.52
C LYS C 415 7.07 -5.20 -16.92
N GLY C 416 7.92 -5.87 -17.69
CA GLY C 416 8.57 -7.07 -17.22
C GLY C 416 9.98 -6.86 -16.75
N LEU C 417 10.69 -5.92 -17.37
CA LEU C 417 12.03 -5.60 -16.90
C LEU C 417 12.01 -4.90 -15.55
N VAL C 418 10.93 -4.18 -15.23
CA VAL C 418 10.79 -3.61 -13.89
C VAL C 418 10.55 -4.70 -12.85
N LEU C 419 9.87 -5.78 -13.23
CA LEU C 419 9.71 -6.86 -12.26
C LEU C 419 10.98 -7.68 -12.11
N LEU C 420 11.85 -7.70 -13.11
CA LEU C 420 13.11 -8.42 -12.91
C LEU C 420 14.01 -7.67 -11.96
N LEU C 421 14.21 -6.39 -12.20
CA LEU C 421 15.14 -5.62 -11.39
C LEU C 421 14.63 -5.39 -9.98
N CYS C 422 13.32 -5.50 -9.75
CA CYS C 422 12.81 -5.54 -8.40
C CYS C 422 12.92 -6.92 -7.77
N TYR C 423 13.45 -7.90 -8.48
CA TYR C 423 13.84 -9.13 -7.83
C TYR C 423 15.32 -9.16 -7.54
N PHE C 424 16.14 -8.44 -8.29
CA PHE C 424 17.53 -8.39 -7.95
C PHE C 424 17.79 -7.49 -6.74
N ILE C 425 16.84 -6.64 -6.38
CA ILE C 425 16.96 -5.89 -5.14
C ILE C 425 16.81 -6.83 -3.95
N ILE C 426 15.91 -7.81 -4.06
CA ILE C 426 15.76 -8.78 -2.99
C ILE C 426 16.96 -9.71 -2.94
N ALA C 427 17.66 -9.90 -4.06
CA ALA C 427 18.84 -10.74 -4.03
C ALA C 427 20.02 -10.04 -3.35
N ILE C 428 20.15 -8.74 -3.57
CA ILE C 428 21.29 -8.01 -3.02
C ILE C 428 21.17 -7.84 -1.51
N CYS C 429 19.96 -7.56 -1.03
CA CYS C 429 19.75 -7.35 0.41
C CYS C 429 19.96 -8.63 1.21
N PHE C 430 19.74 -9.79 0.59
CA PHE C 430 19.95 -11.07 1.25
C PHE C 430 21.26 -11.73 0.86
N PHE C 431 22.03 -11.16 -0.07
CA PHE C 431 23.38 -11.65 -0.27
C PHE C 431 24.34 -11.07 0.75
N VAL C 432 24.11 -9.83 1.16
CA VAL C 432 25.03 -9.15 2.05
C VAL C 432 24.81 -9.61 3.48
N ASP C 433 23.57 -9.95 3.82
CA ASP C 433 23.11 -10.04 5.20
C ASP C 433 23.73 -11.27 5.85
N LYS C 434 25.00 -11.16 6.25
CA LYS C 434 25.74 -12.22 6.92
C LYS C 434 25.53 -11.95 8.40
N LEU C 435 24.46 -12.52 8.94
CA LEU C 435 24.04 -12.18 10.27
C LEU C 435 23.28 -13.36 10.85
N PRO C 436 23.61 -13.80 12.07
CA PRO C 436 22.93 -14.95 12.71
C PRO C 436 21.53 -14.63 13.22
#